data_8VCU
#
_entry.id   8VCU
#
_cell.length_a   39.818
_cell.length_b   64.626
_cell.length_c   69.376
_cell.angle_alpha   94.280
_cell.angle_beta   103.900
_cell.angle_gamma   107.940
#
_symmetry.space_group_name_H-M   'P 1'
#
loop_
_entity.id
_entity.type
_entity.pdbx_description
1 polymer 'Galactose-binding lectin'
2 branched beta-D-galactopyranose-(1-4)-beta-D-fructofuranose
3 non-polymer GLYCEROL
4 non-polymer 'ACETATE ION'
5 non-polymer DI(HYDROXYETHYL)ETHER
6 non-polymer 'NICKEL (II) ION'
7 water water
#
_entity_poly.entity_id   1
_entity_poly.type   'polypeptide(L)'
_entity_poly.pdbx_seq_one_letter_code
;GHMTTFLIKHKASGKFLHPKGGSSNPANDTNLVLHSDIHERMYFQFDVVDERWGYIKHAASGKIVHPLGGKADPPNETKL
VLHQDRHDRALFAMDFFNDNIIHKAGKYIHPKGGSTNPPNETLTVMHGDKHKAMEFIFVSPKDKDKRVLVYV
;
_entity_poly.pdbx_strand_id   A,B,C,D
#
loop_
_chem_comp.id
_chem_comp.type
_chem_comp.name
_chem_comp.formula
ACT non-polymer 'ACETATE ION' 'C2 H3 O2 -1'
FRU D-saccharide, beta linking beta-D-fructofuranose 'C6 H12 O6'
GAL D-saccharide, beta linking beta-D-galactopyranose 'C6 H12 O6'
GOL non-polymer GLYCEROL 'C3 H8 O3'
NI non-polymer 'NICKEL (II) ION' 'Ni 2'
PEG non-polymer DI(HYDROXYETHYL)ETHER 'C4 H10 O3'
#
# COMPACT_ATOMS: atom_id res chain seq x y z
N THR A 4 -3.09 10.57 30.94
CA THR A 4 -2.41 11.43 29.97
C THR A 4 -1.03 10.86 29.62
N THR A 5 -0.39 10.20 30.59
CA THR A 5 0.94 9.65 30.33
C THR A 5 0.84 8.28 29.68
N PHE A 6 1.80 8.00 28.80
CA PHE A 6 1.86 6.75 28.07
C PHE A 6 3.31 6.38 27.85
N LEU A 7 3.55 5.13 27.48
CA LEU A 7 4.85 4.66 27.05
C LEU A 7 4.89 4.59 25.53
N ILE A 8 6.01 4.98 24.94
CA ILE A 8 6.23 4.82 23.51
C ILE A 8 7.00 3.52 23.29
N LYS A 9 6.30 2.51 22.79
CA LYS A 9 6.83 1.15 22.70
C LYS A 9 7.18 0.82 21.26
N HIS A 10 8.43 0.46 21.04
CA HIS A 10 8.84 -0.08 19.74
C HIS A 10 8.06 -1.36 19.49
N LYS A 11 7.23 -1.36 18.44
CA LYS A 11 6.22 -2.41 18.30
C LYS A 11 6.85 -3.80 18.11
N ALA A 12 7.94 -3.89 17.36
CA ALA A 12 8.51 -5.20 17.04
C ALA A 12 9.30 -5.79 18.19
N SER A 13 9.94 -4.96 19.00
CA SER A 13 10.84 -5.44 20.04
C SER A 13 10.28 -5.34 21.45
N GLY A 14 9.30 -4.48 21.69
CA GLY A 14 8.87 -4.23 23.04
C GLY A 14 9.74 -3.27 23.83
N LYS A 15 10.85 -2.79 23.28
CA LYS A 15 11.61 -1.77 23.96
C LYS A 15 10.87 -0.43 23.87
N PHE A 16 11.30 0.53 24.69
CA PHE A 16 10.59 1.80 24.85
C PHE A 16 11.51 2.98 24.57
N LEU A 17 10.91 4.13 24.26
CA LEU A 17 11.68 5.36 24.10
C LEU A 17 12.08 5.90 25.47
N HIS A 18 13.36 6.22 25.63
CA HIS A 18 13.97 6.77 26.84
C HIS A 18 14.85 7.95 26.50
N PRO A 19 15.01 8.90 27.42
CA PRO A 19 16.19 9.76 27.36
C PRO A 19 17.42 8.92 27.71
N LYS A 20 18.46 9.05 26.90
CA LYS A 20 19.72 8.39 27.24
C LYS A 20 20.13 8.81 28.64
N GLY A 21 20.36 7.83 29.50
CA GLY A 21 20.67 8.07 30.89
C GLY A 21 19.47 7.99 31.82
N GLY A 22 18.26 8.03 31.28
CA GLY A 22 17.07 7.82 32.08
C GLY A 22 16.86 8.84 33.20
N SER A 23 17.30 10.07 33.01
CA SER A 23 17.24 11.08 34.06
C SER A 23 15.89 11.80 34.08
N SER A 24 15.51 12.29 35.26
CA SER A 24 14.29 13.07 35.36
CA SER A 24 14.29 13.09 35.40
C SER A 24 14.42 14.42 34.66
N ASN A 25 15.64 14.91 34.48
CA ASN A 25 15.85 16.21 33.86
C ASN A 25 17.00 16.10 32.87
N PRO A 26 16.78 15.43 31.75
CA PRO A 26 17.82 15.32 30.73
C PRO A 26 18.24 16.69 30.24
N ALA A 27 19.55 16.85 30.03
CA ALA A 27 20.07 18.09 29.44
C ALA A 27 19.49 18.30 28.05
N ASN A 28 19.38 19.57 27.66
CA ASN A 28 19.00 19.88 26.29
C ASN A 28 19.89 19.13 25.31
N ASP A 29 19.27 18.61 24.26
CA ASP A 29 19.90 17.84 23.18
C ASP A 29 20.36 16.45 23.62
N THR A 30 19.88 15.96 24.76
CA THR A 30 20.05 14.55 25.12
C THR A 30 19.41 13.65 24.07
N ASN A 31 20.15 12.63 23.64
CA ASN A 31 19.63 11.70 22.65
C ASN A 31 18.46 10.89 23.20
N LEU A 32 17.49 10.61 22.34
CA LEU A 32 16.42 9.66 22.65
C LEU A 32 16.83 8.27 22.17
N VAL A 33 16.77 7.29 23.08
CA VAL A 33 17.22 5.94 22.81
C VAL A 33 16.08 4.96 23.07
N LEU A 34 16.30 3.71 22.70
CA LEU A 34 15.41 2.61 23.05
C LEU A 34 16.02 1.80 24.20
N HIS A 35 15.22 1.49 25.21
CA HIS A 35 15.64 0.69 26.35
C HIS A 35 14.44 -0.08 26.87
N SER A 36 14.69 -1.27 27.38
CA SER A 36 13.63 -2.18 27.79
C SER A 36 13.01 -1.83 29.15
N ASP A 37 13.69 -1.02 29.96
CA ASP A 37 13.20 -0.68 31.28
C ASP A 37 11.92 0.16 31.21
N ILE A 38 11.09 0.04 32.25
CA ILE A 38 9.96 0.96 32.47
C ILE A 38 10.17 1.65 33.82
N HIS A 39 10.00 2.97 33.84
CA HIS A 39 10.06 3.78 35.05
C HIS A 39 9.56 5.18 34.70
N GLU A 40 9.34 5.98 35.74
CA GLU A 40 8.66 7.27 35.55
C GLU A 40 9.44 8.22 34.64
N ARG A 41 10.75 8.02 34.48
CA ARG A 41 11.58 8.91 33.68
C ARG A 41 11.60 8.53 32.19
N MET A 42 10.78 7.56 31.77
CA MET A 42 10.56 7.31 30.36
C MET A 42 9.07 7.40 30.00
N TYR A 43 8.25 7.95 30.90
CA TYR A 43 6.87 8.28 30.59
C TYR A 43 6.81 9.46 29.62
N PHE A 44 5.83 9.43 28.72
CA PHE A 44 5.63 10.55 27.81
C PHE A 44 4.20 11.05 27.87
N GLN A 45 4.02 12.27 27.39
CA GLN A 45 2.73 12.90 27.19
C GLN A 45 2.72 13.52 25.80
N PHE A 46 1.54 13.92 25.34
CA PHE A 46 1.40 14.56 24.03
C PHE A 46 0.59 15.84 24.18
N ASP A 47 1.19 16.97 23.81
CA ASP A 47 0.55 18.27 23.92
C ASP A 47 0.04 18.67 22.54
N VAL A 48 -1.27 18.59 22.35
CA VAL A 48 -1.88 18.90 21.06
C VAL A 48 -1.71 20.39 20.78
N VAL A 49 -1.27 20.71 19.56
CA VAL A 49 -1.13 22.08 19.11
C VAL A 49 -2.13 22.41 18.01
N ASP A 50 -2.29 21.52 17.02
CA ASP A 50 -3.12 21.81 15.86
C ASP A 50 -3.63 20.46 15.32
N GLU A 51 -4.81 20.05 15.78
CA GLU A 51 -5.44 18.80 15.35
C GLU A 51 -4.52 17.60 15.63
N ARG A 52 -3.96 16.98 14.58
CA ARG A 52 -3.07 15.84 14.79
C ARG A 52 -1.69 16.25 15.30
N TRP A 53 -1.32 17.51 15.12
CA TRP A 53 0.06 17.93 15.36
C TRP A 53 0.25 18.38 16.80
N GLY A 54 1.38 18.01 17.38
CA GLY A 54 1.65 18.43 18.74
C GLY A 54 3.06 18.12 19.16
N TYR A 55 3.31 18.30 20.45
CA TYR A 55 4.62 18.08 21.04
C TYR A 55 4.65 16.75 21.79
N ILE A 56 5.67 15.95 21.49
CA ILE A 56 5.93 14.73 22.27
C ILE A 56 6.76 15.16 23.48
N LYS A 57 6.14 15.13 24.66
CA LYS A 57 6.73 15.71 25.86
C LYS A 57 7.24 14.62 26.79
N HIS A 58 8.51 14.74 27.20
CA HIS A 58 9.05 13.90 28.25
C HIS A 58 8.42 14.26 29.58
N ALA A 59 7.72 13.33 30.21
CA ALA A 59 6.83 13.71 31.32
C ALA A 59 7.61 14.30 32.48
N ALA A 60 8.74 13.70 32.84
CA ALA A 60 9.43 14.12 34.06
C ALA A 60 10.08 15.49 33.91
N SER A 61 10.50 15.86 32.71
CA SER A 61 11.27 17.08 32.52
C SER A 61 10.53 18.22 31.84
N GLY A 62 9.47 17.93 31.10
CA GLY A 62 8.84 18.94 30.28
C GLY A 62 9.53 19.24 28.97
N LYS A 63 10.75 18.75 28.74
CA LYS A 63 11.37 18.92 27.45
C LYS A 63 10.67 18.05 26.41
N ILE A 64 10.80 18.43 25.13
CA ILE A 64 10.05 17.75 24.09
C ILE A 64 10.99 17.21 23.01
N VAL A 65 10.43 16.36 22.16
CA VAL A 65 11.19 15.71 21.10
C VAL A 65 11.45 16.70 19.97
N HIS A 66 12.70 16.82 19.55
CA HIS A 66 13.17 17.58 18.41
C HIS A 66 14.04 16.72 17.51
N PRO A 67 13.99 16.92 16.21
CA PRO A 67 15.14 16.57 15.39
C PRO A 67 16.30 17.46 15.83
N LEU A 68 17.47 16.86 16.00
CA LEU A 68 18.62 17.63 16.45
C LEU A 68 18.86 18.76 15.48
N GLY A 69 18.85 20.00 16.00
CA GLY A 69 19.04 21.17 15.18
C GLY A 69 17.77 21.90 14.79
N GLY A 70 16.60 21.29 15.01
CA GLY A 70 15.33 21.94 14.80
C GLY A 70 14.99 22.34 13.38
N LYS A 71 15.52 21.64 12.38
CA LYS A 71 15.25 22.04 11.01
C LYS A 71 13.85 21.60 10.59
N ALA A 72 13.23 22.39 9.71
CA ALA A 72 11.88 22.09 9.27
C ALA A 72 11.83 20.79 8.47
N ASP A 73 12.87 20.51 7.69
CA ASP A 73 12.90 19.37 6.78
C ASP A 73 14.16 18.57 7.05
N PRO A 74 14.26 17.92 8.20
CA PRO A 74 15.49 17.22 8.57
C PRO A 74 15.77 16.05 7.63
N PRO A 75 17.03 15.81 7.28
CA PRO A 75 17.36 14.69 6.41
C PRO A 75 17.34 13.35 7.15
N ASN A 76 17.25 12.28 6.37
CA ASN A 76 17.42 10.93 6.90
C ASN A 76 18.62 10.86 7.83
N GLU A 77 18.46 10.14 8.94
CA GLU A 77 19.47 9.87 9.96
C GLU A 77 19.68 11.04 10.91
N THR A 78 18.90 12.12 10.81
CA THR A 78 18.92 13.15 11.84
C THR A 78 18.53 12.54 13.18
N LYS A 79 19.38 12.71 14.18
CA LYS A 79 19.12 12.13 15.49
C LYS A 79 17.96 12.84 16.20
N LEU A 80 17.21 12.07 16.98
CA LEU A 80 16.17 12.65 17.83
C LEU A 80 16.72 12.94 19.22
N VAL A 81 16.36 14.09 19.75
CA VAL A 81 16.85 14.56 21.04
C VAL A 81 15.69 15.19 21.79
N LEU A 82 15.91 15.46 23.07
CA LEU A 82 14.97 16.27 23.85
C LEU A 82 15.50 17.69 23.96
N HIS A 83 14.60 18.66 23.87
CA HIS A 83 14.97 20.05 24.00
C HIS A 83 13.82 20.81 24.62
N GLN A 84 14.15 21.88 25.38
CA GLN A 84 13.12 22.67 26.03
C GLN A 84 12.35 23.56 25.05
N ASP A 85 12.91 23.88 23.88
CA ASP A 85 12.26 24.86 23.02
C ASP A 85 10.96 24.32 22.43
N ARG A 86 10.00 25.22 22.22
CA ARG A 86 8.74 24.96 21.54
C ARG A 86 8.71 25.76 20.24
N HIS A 87 8.55 25.06 19.11
CA HIS A 87 8.33 25.71 17.82
C HIS A 87 7.81 24.66 16.86
N ASP A 88 7.39 25.11 15.68
CA ASP A 88 6.66 24.21 14.78
C ASP A 88 7.56 23.26 14.01
N ARG A 89 8.88 23.31 14.19
CA ARG A 89 9.72 22.27 13.65
C ARG A 89 9.82 21.07 14.58
N ALA A 90 9.34 21.19 15.82
CA ALA A 90 9.23 20.07 16.75
C ALA A 90 7.83 19.48 16.79
N LEU A 91 7.04 19.65 15.71
CA LEU A 91 5.68 19.13 15.66
C LEU A 91 5.67 17.71 15.12
N PHE A 92 5.03 16.80 15.84
CA PHE A 92 4.85 15.43 15.38
C PHE A 92 3.38 15.06 15.45
N ALA A 93 3.05 13.90 14.86
CA ALA A 93 1.72 13.32 14.96
C ALA A 93 1.85 11.86 15.37
N MET A 94 0.98 11.41 16.29
CA MET A 94 1.03 10.05 16.82
C MET A 94 0.02 9.20 16.05
N ASP A 95 0.47 8.58 14.97
CA ASP A 95 -0.40 7.82 14.08
C ASP A 95 -0.64 6.46 14.73
N PHE A 96 -1.71 6.37 15.53
CA PHE A 96 -2.04 5.11 16.18
C PHE A 96 -2.87 4.20 15.31
N PHE A 97 -3.11 4.59 14.05
CA PHE A 97 -3.76 3.70 13.09
C PHE A 97 -2.73 2.96 12.24
N ASN A 98 -1.74 3.66 11.71
CA ASN A 98 -0.65 3.02 10.98
C ASN A 98 0.50 2.62 11.89
N ASP A 99 0.44 2.99 13.19
CA ASP A 99 1.43 2.64 14.21
C ASP A 99 2.81 3.23 13.90
N ASN A 100 2.85 4.55 13.77
CA ASN A 100 4.15 5.19 13.65
C ASN A 100 4.07 6.61 14.22
N ILE A 101 5.23 7.24 14.30
CA ILE A 101 5.35 8.62 14.74
C ILE A 101 5.91 9.42 13.57
N ILE A 102 5.12 10.35 13.06
CA ILE A 102 5.48 11.08 11.86
C ILE A 102 5.77 12.53 12.20
N HIS A 103 6.84 13.07 11.61
CA HIS A 103 7.20 14.47 11.78
C HIS A 103 6.39 15.36 10.82
N LYS A 104 6.37 16.66 11.12
CA LYS A 104 5.62 17.59 10.28
C LYS A 104 6.05 17.53 8.81
N ALA A 105 7.32 17.26 8.53
CA ALA A 105 7.78 17.23 7.15
C ALA A 105 7.66 15.85 6.52
N GLY A 106 7.16 14.87 7.25
CA GLY A 106 6.73 13.63 6.64
C GLY A 106 7.61 12.44 6.91
N LYS A 107 8.78 12.59 7.50
CA LYS A 107 9.59 11.44 7.86
C LYS A 107 9.15 10.89 9.22
N TYR A 108 9.71 9.73 9.58
CA TYR A 108 9.27 8.97 10.74
C TYR A 108 10.42 8.76 11.72
N ILE A 109 10.07 8.59 13.01
CA ILE A 109 11.03 8.14 14.00
C ILE A 109 11.35 6.67 13.77
N HIS A 110 12.64 6.37 13.65
CA HIS A 110 13.22 5.05 13.43
C HIS A 110 14.22 4.73 14.53
N PRO A 111 14.42 3.45 14.85
CA PRO A 111 15.68 3.07 15.52
C PRO A 111 16.82 3.25 14.54
N LYS A 112 17.91 3.83 15.01
CA LYS A 112 19.10 3.96 14.16
C LYS A 112 19.54 2.56 13.75
N GLY A 113 19.66 2.34 12.44
CA GLY A 113 19.98 1.03 11.94
C GLY A 113 18.80 0.20 11.49
N GLY A 114 17.59 0.58 11.87
CA GLY A 114 16.39 -0.04 11.33
C GLY A 114 16.15 -1.49 11.70
N SER A 115 16.59 -1.91 12.89
CA SER A 115 16.38 -3.27 13.33
C SER A 115 15.01 -3.43 14.00
N THR A 116 14.38 -4.60 13.78
CA THR A 116 13.20 -4.92 14.57
C THR A 116 13.56 -5.43 15.96
N ASN A 117 14.83 -5.71 16.23
CA ASN A 117 15.28 -6.11 17.57
C ASN A 117 16.51 -5.28 17.97
N PRO A 118 16.35 -3.96 18.10
CA PRO A 118 17.48 -3.13 18.48
C PRO A 118 17.89 -3.36 19.92
N PRO A 119 19.18 -3.38 20.22
CA PRO A 119 19.63 -3.52 21.60
C PRO A 119 19.33 -2.27 22.42
N ASN A 120 19.40 -2.44 23.74
CA ASN A 120 19.32 -1.29 24.65
C ASN A 120 20.36 -0.25 24.26
N GLU A 121 19.97 1.03 24.39
CA GLU A 121 20.76 2.23 24.11
C GLU A 121 20.89 2.54 22.62
N THR A 122 20.18 1.80 21.74
CA THR A 122 20.14 2.18 20.33
C THR A 122 19.52 3.56 20.17
N LEU A 123 20.23 4.46 19.49
CA LEU A 123 19.71 5.80 19.21
C LEU A 123 18.49 5.73 18.28
N THR A 124 17.76 6.85 18.21
CA THR A 124 16.66 6.97 17.25
C THR A 124 16.96 8.09 16.27
N VAL A 125 16.47 7.95 15.03
CA VAL A 125 16.74 8.91 13.96
C VAL A 125 15.48 9.15 13.13
N MET A 126 15.48 10.25 12.39
CA MET A 126 14.46 10.48 11.38
C MET A 126 14.81 9.76 10.09
N HIS A 127 13.81 9.13 9.48
CA HIS A 127 14.02 8.47 8.20
C HIS A 127 12.68 8.31 7.49
N GLY A 128 12.70 8.53 6.17
CA GLY A 128 11.48 8.46 5.38
C GLY A 128 10.91 7.07 5.19
N ASP A 129 11.73 6.02 5.33
CA ASP A 129 11.28 4.67 5.01
C ASP A 129 10.16 4.19 5.95
N LYS A 130 9.34 3.28 5.43
CA LYS A 130 8.25 2.66 6.19
C LYS A 130 8.43 1.15 6.19
N HIS A 131 8.46 0.55 7.37
CA HIS A 131 8.60 -0.90 7.51
C HIS A 131 8.32 -1.28 8.96
N LYS A 132 8.44 -2.58 9.27
CA LYS A 132 8.06 -3.07 10.59
C LYS A 132 8.95 -2.52 11.70
N ALA A 133 10.21 -2.18 11.39
CA ALA A 133 11.11 -1.72 12.44
C ALA A 133 10.90 -0.24 12.81
N MET A 134 10.09 0.51 12.07
CA MET A 134 9.78 1.87 12.49
C MET A 134 8.40 2.01 13.12
N GLU A 135 7.73 0.88 13.41
CA GLU A 135 6.42 0.92 14.03
C GLU A 135 6.52 1.11 15.54
N PHE A 136 5.60 1.91 16.08
CA PHE A 136 5.50 2.20 17.51
C PHE A 136 4.03 2.19 17.90
N ILE A 137 3.75 1.72 19.12
CA ILE A 137 2.42 1.81 19.71
C ILE A 137 2.54 2.49 21.07
N PHE A 138 1.40 2.91 21.60
CA PHE A 138 1.35 3.84 22.74
C PHE A 138 0.53 3.19 23.84
N VAL A 139 1.18 2.86 24.95
CA VAL A 139 0.60 1.91 25.90
C VAL A 139 0.60 2.50 27.31
N SER A 140 -0.16 1.85 28.18
CA SER A 140 -0.35 2.35 29.53
C SER A 140 0.93 2.17 30.36
N PRO A 141 1.33 3.17 31.14
CA PRO A 141 2.48 2.98 32.02
C PRO A 141 2.29 1.86 33.03
N LYS A 142 1.05 1.43 33.29
CA LYS A 142 0.80 0.32 34.19
C LYS A 142 0.64 -1.01 33.45
N ASP A 143 0.51 -0.99 32.13
CA ASP A 143 0.36 -2.25 31.39
C ASP A 143 0.91 -2.04 29.99
N LYS A 144 2.12 -2.51 29.73
CA LYS A 144 2.78 -2.20 28.47
C LYS A 144 2.16 -2.89 27.28
N ASP A 145 1.13 -3.70 27.46
CA ASP A 145 0.42 -4.32 26.35
C ASP A 145 -0.96 -3.72 26.11
N LYS A 146 -1.35 -2.70 26.87
CA LYS A 146 -2.66 -2.07 26.74
C LYS A 146 -2.49 -0.72 26.04
N ARG A 147 -2.91 -0.65 24.77
CA ARG A 147 -2.87 0.61 24.06
C ARG A 147 -3.73 1.66 24.76
N VAL A 148 -3.27 2.90 24.76
CA VAL A 148 -4.02 4.00 25.32
C VAL A 148 -4.08 5.15 24.31
N LEU A 149 -5.15 5.94 24.40
CA LEU A 149 -5.33 7.09 23.54
C LEU A 149 -4.41 8.22 24.01
N VAL A 150 -3.51 8.68 23.13
CA VAL A 150 -2.57 9.72 23.52
C VAL A 150 -3.11 11.12 23.27
N TYR A 151 -4.19 11.26 22.51
CA TYR A 151 -4.73 12.58 22.17
C TYR A 151 -5.71 13.11 23.20
N VAL A 152 -6.25 12.26 24.06
CA VAL A 152 -7.15 12.76 25.09
C VAL A 152 -6.33 13.13 26.33
N THR B 4 -15.57 19.56 20.52
CA THR B 4 -16.10 18.20 20.60
C THR B 4 -17.10 17.93 19.48
N THR B 5 -17.68 18.97 18.89
CA THR B 5 -18.61 18.78 17.79
C THR B 5 -17.93 19.05 16.46
N PHE B 6 -18.34 18.29 15.45
CA PHE B 6 -17.65 18.32 14.17
C PHE B 6 -18.61 17.89 13.08
N LEU B 7 -18.22 18.17 11.84
CA LEU B 7 -18.95 17.70 10.68
C LEU B 7 -18.19 16.55 10.05
N ILE B 8 -18.92 15.53 9.59
CA ILE B 8 -18.34 14.40 8.89
C ILE B 8 -18.44 14.72 7.40
N LYS B 9 -17.31 15.09 6.80
CA LYS B 9 -17.30 15.57 5.42
C LYS B 9 -16.77 14.48 4.50
N HIS B 10 -17.56 14.14 3.50
CA HIS B 10 -17.07 13.30 2.42
C HIS B 10 -15.92 14.03 1.72
N LYS B 11 -14.72 13.45 1.72
CA LYS B 11 -13.55 14.22 1.33
C LYS B 11 -13.60 14.60 -0.15
N ALA B 12 -14.03 13.70 -1.02
CA ALA B 12 -13.94 13.96 -2.45
C ALA B 12 -15.01 14.94 -2.93
N SER B 13 -16.17 14.94 -2.27
CA SER B 13 -17.31 15.73 -2.74
C SER B 13 -17.63 16.93 -1.88
N GLY B 14 -17.24 16.94 -0.61
CA GLY B 14 -17.60 18.01 0.28
C GLY B 14 -18.99 17.91 0.87
N LYS B 15 -19.78 16.91 0.47
CA LYS B 15 -21.04 16.65 1.13
C LYS B 15 -20.80 16.05 2.51
N PHE B 16 -21.80 16.16 3.37
CA PHE B 16 -21.67 15.80 4.78
C PHE B 16 -22.64 14.70 5.16
N LEU B 17 -22.33 14.01 6.25
CA LEU B 17 -23.25 13.02 6.81
C LEU B 17 -24.39 13.72 7.52
N HIS B 18 -25.62 13.28 7.23
CA HIS B 18 -26.86 13.79 7.77
C HIS B 18 -27.74 12.62 8.19
N PRO B 19 -28.60 12.79 9.18
CA PRO B 19 -29.77 11.90 9.28
C PRO B 19 -30.73 12.27 8.16
N LYS B 20 -31.25 11.25 7.48
CA LYS B 20 -32.23 11.49 6.43
C LYS B 20 -33.39 12.30 6.98
N GLY B 21 -33.71 13.41 6.30
CA GLY B 21 -34.73 14.32 6.75
C GLY B 21 -34.23 15.44 7.64
N GLY B 22 -33.02 15.33 8.18
CA GLY B 22 -32.41 16.43 8.92
C GLY B 22 -33.02 16.75 10.26
N SER B 23 -33.59 15.76 10.95
CA SER B 23 -34.32 16.03 12.18
C SER B 23 -33.40 16.16 13.39
N SER B 24 -33.85 16.97 14.37
CA SER B 24 -33.21 17.01 15.68
C SER B 24 -33.37 15.71 16.43
N ASN B 25 -34.42 14.96 16.15
CA ASN B 25 -34.70 13.70 16.83
C ASN B 25 -35.07 12.65 15.80
N PRO B 26 -34.09 12.14 15.04
CA PRO B 26 -34.40 11.08 14.08
C PRO B 26 -34.89 9.83 14.80
N ALA B 27 -35.87 9.16 14.20
CA ALA B 27 -36.36 7.91 14.74
C ALA B 27 -35.28 6.83 14.62
N ASN B 28 -35.34 5.86 15.52
CA ASN B 28 -34.47 4.69 15.43
C ASN B 28 -34.50 4.10 14.02
N ASP B 29 -33.32 3.74 13.53
CA ASP B 29 -33.09 3.12 12.23
C ASP B 29 -33.31 4.07 11.06
N THR B 30 -33.37 5.36 11.33
CA THR B 30 -33.26 6.37 10.28
C THR B 30 -31.92 6.24 9.55
N ASN B 31 -31.98 6.18 8.22
CA ASN B 31 -30.77 6.09 7.40
C ASN B 31 -29.90 7.34 7.56
N LEU B 32 -28.58 7.11 7.49
CA LEU B 32 -27.61 8.20 7.39
C LEU B 32 -27.26 8.44 5.93
N VAL B 33 -27.35 9.70 5.50
CA VAL B 33 -27.18 10.02 4.10
C VAL B 33 -26.12 11.12 3.96
N LEU B 34 -25.77 11.41 2.72
CA LEU B 34 -24.90 12.52 2.37
C LEU B 34 -25.72 13.68 1.82
N HIS B 35 -25.41 14.89 2.28
CA HIS B 35 -26.11 16.09 1.84
C HIS B 35 -25.19 17.29 2.02
N SER B 36 -25.30 18.26 1.11
CA SER B 36 -24.39 19.40 1.12
C SER B 36 -24.72 20.44 2.19
N ASP B 37 -25.92 20.41 2.76
CA ASP B 37 -26.29 21.43 3.76
C ASP B 37 -25.45 21.30 5.02
N ILE B 38 -25.25 22.43 5.71
CA ILE B 38 -24.71 22.46 7.07
C ILE B 38 -25.76 23.08 8.00
N HIS B 39 -25.97 22.45 9.15
CA HIS B 39 -26.83 22.97 10.20
C HIS B 39 -26.65 22.09 11.43
N GLU B 40 -27.18 22.56 12.56
CA GLU B 40 -26.93 21.92 13.84
C GLU B 40 -27.46 20.49 13.91
N ARG B 41 -28.33 20.07 12.99
CA ARG B 41 -28.89 18.73 13.02
C ARG B 41 -28.06 17.72 12.22
N MET B 42 -26.89 18.13 11.73
CA MET B 42 -25.92 17.20 11.17
C MET B 42 -24.58 17.29 11.89
N TYR B 43 -24.53 17.94 13.05
CA TYR B 43 -23.33 17.93 13.88
C TYR B 43 -23.16 16.56 14.51
N PHE B 44 -21.92 16.13 14.63
CA PHE B 44 -21.64 14.87 15.30
C PHE B 44 -20.65 15.09 16.41
N GLN B 45 -20.65 14.13 17.34
CA GLN B 45 -19.67 14.03 18.40
C GLN B 45 -19.15 12.61 18.39
N PHE B 46 -18.06 12.37 19.11
CA PHE B 46 -17.48 11.04 19.19
C PHE B 46 -17.23 10.70 20.65
N ASP B 47 -17.90 9.65 21.13
CA ASP B 47 -17.79 9.23 22.53
C ASP B 47 -16.80 8.08 22.61
N VAL B 48 -15.61 8.37 23.15
CA VAL B 48 -14.55 7.36 23.23
C VAL B 48 -14.92 6.29 24.24
N VAL B 49 -14.80 5.02 23.83
CA VAL B 49 -15.10 3.89 24.70
C VAL B 49 -13.84 3.11 25.06
N ASP B 50 -12.97 2.86 24.09
CA ASP B 50 -11.80 2.00 24.30
C ASP B 50 -10.70 2.46 23.33
N GLU B 51 -9.84 3.36 23.80
CA GLU B 51 -8.73 3.88 23.01
C GLU B 51 -9.23 4.49 21.68
N ARG B 52 -9.03 3.80 20.56
CA ARG B 52 -9.52 4.32 19.28
C ARG B 52 -11.02 4.08 19.05
N TRP B 53 -11.64 3.18 19.82
CA TRP B 53 -13.00 2.75 19.54
C TRP B 53 -14.01 3.56 20.33
N GLY B 54 -15.09 3.95 19.67
CA GLY B 54 -16.14 4.71 20.33
C GLY B 54 -17.39 4.78 19.50
N TYR B 55 -18.36 5.57 20.00
CA TYR B 55 -19.64 5.76 19.34
C TYR B 55 -19.66 7.07 18.56
N ILE B 56 -20.17 7.01 17.34
CA ILE B 56 -20.35 8.19 16.51
C ILE B 56 -21.74 8.72 16.83
N LYS B 57 -21.79 9.83 17.58
CA LYS B 57 -23.03 10.29 18.18
C LYS B 57 -23.58 11.48 17.39
N HIS B 58 -24.84 11.37 16.96
CA HIS B 58 -25.59 12.49 16.38
C HIS B 58 -25.86 13.49 17.49
N ALA B 59 -25.30 14.71 17.36
CA ALA B 59 -25.27 15.63 18.49
C ALA B 59 -26.67 16.04 18.95
N ALA B 60 -27.58 16.29 18.01
CA ALA B 60 -28.88 16.86 18.38
C ALA B 60 -29.77 15.84 19.09
N SER B 61 -29.68 14.56 18.73
CA SER B 61 -30.57 13.55 19.27
C SER B 61 -29.91 12.66 20.31
N GLY B 62 -28.59 12.52 20.29
CA GLY B 62 -27.92 11.56 21.14
C GLY B 62 -27.90 10.14 20.63
N LYS B 63 -28.60 9.85 19.53
CA LYS B 63 -28.49 8.53 18.94
C LYS B 63 -27.14 8.39 18.26
N ILE B 64 -26.71 7.14 18.06
CA ILE B 64 -25.37 6.86 17.55
C ILE B 64 -25.47 6.01 16.29
N VAL B 65 -24.36 5.96 15.55
CA VAL B 65 -24.32 5.26 14.27
C VAL B 65 -24.25 3.75 14.52
N HIS B 66 -25.12 3.00 13.83
CA HIS B 66 -25.15 1.54 13.83
C HIS B 66 -25.12 1.02 12.40
N PRO B 67 -24.50 -0.13 12.17
CA PRO B 67 -24.89 -0.93 11.01
C PRO B 67 -26.30 -1.45 11.26
N LEU B 68 -27.19 -1.24 10.30
CA LEU B 68 -28.58 -1.67 10.48
C LEU B 68 -28.60 -3.14 10.91
N GLY B 69 -29.28 -3.40 12.03
CA GLY B 69 -29.33 -4.74 12.61
C GLY B 69 -28.29 -4.99 13.68
N GLY B 70 -27.27 -4.15 13.77
CA GLY B 70 -26.30 -4.22 14.86
C GLY B 70 -25.49 -5.50 14.94
N LYS B 71 -25.20 -6.14 13.81
CA LYS B 71 -24.42 -7.38 13.87
C LYS B 71 -22.93 -7.08 14.00
N ALA B 72 -22.21 -8.00 14.63
CA ALA B 72 -20.79 -7.79 14.88
C ALA B 72 -20.00 -7.68 13.58
N ASP B 73 -20.33 -8.48 12.58
CA ASP B 73 -19.58 -8.59 11.33
C ASP B 73 -20.53 -8.36 10.15
N PRO B 74 -21.01 -7.13 9.97
CA PRO B 74 -22.01 -6.87 8.92
C PRO B 74 -21.41 -7.03 7.54
N PRO B 75 -22.19 -7.55 6.58
CA PRO B 75 -21.67 -7.74 5.23
C PRO B 75 -21.64 -6.44 4.43
N ASN B 76 -20.87 -6.47 3.35
CA ASN B 76 -20.87 -5.37 2.39
C ASN B 76 -22.30 -4.97 2.04
N GLU B 77 -22.51 -3.66 1.93
CA GLU B 77 -23.76 -2.99 1.58
C GLU B 77 -24.74 -2.89 2.76
N THR B 78 -24.38 -3.30 3.97
CA THR B 78 -25.23 -3.04 5.13
C THR B 78 -25.42 -1.54 5.32
N LYS B 79 -26.67 -1.11 5.44
CA LYS B 79 -26.93 0.32 5.56
C LYS B 79 -26.53 0.84 6.93
N LEU B 80 -26.03 2.07 6.97
CA LEU B 80 -25.78 2.77 8.23
C LEU B 80 -27.01 3.55 8.65
N VAL B 81 -27.34 3.48 9.93
CA VAL B 81 -28.50 4.17 10.49
C VAL B 81 -28.13 4.77 11.84
N LEU B 82 -29.06 5.55 12.39
CA LEU B 82 -28.96 6.01 13.77
C LEU B 82 -29.85 5.16 14.68
N HIS B 83 -29.34 4.86 15.87
CA HIS B 83 -30.12 4.10 16.82
C HIS B 83 -29.69 4.48 18.23
N GLN B 84 -30.65 4.44 19.16
CA GLN B 84 -30.39 4.86 20.53
C GLN B 84 -29.49 3.87 21.28
N ASP B 85 -29.54 2.59 20.91
CA ASP B 85 -28.84 1.57 21.66
C ASP B 85 -27.33 1.79 21.63
N ARG B 86 -26.66 1.39 22.73
CA ARG B 86 -25.21 1.45 22.84
C ARG B 86 -24.70 0.05 23.14
N HIS B 87 -23.90 -0.50 22.22
CA HIS B 87 -23.25 -1.79 22.46
C HIS B 87 -22.01 -1.86 21.56
N ASP B 88 -21.23 -2.92 21.74
CA ASP B 88 -19.93 -2.96 21.08
C ASP B 88 -20.01 -3.37 19.60
N ARG B 89 -21.20 -3.53 19.03
CA ARG B 89 -21.30 -3.67 17.58
C ARG B 89 -21.53 -2.33 16.90
N ALA B 90 -21.69 -1.26 17.67
CA ALA B 90 -21.75 0.09 17.14
C ALA B 90 -20.45 0.85 17.38
N LEU B 91 -19.35 0.13 17.56
CA LEU B 91 -18.05 0.74 17.78
C LEU B 91 -17.37 1.02 16.45
N PHE B 92 -16.93 2.25 16.27
CA PHE B 92 -16.17 2.68 15.11
C PHE B 92 -14.92 3.38 15.60
N ALA B 93 -13.99 3.63 14.68
CA ALA B 93 -12.84 4.47 14.95
C ALA B 93 -12.73 5.51 13.84
N MET B 94 -12.30 6.71 14.22
CA MET B 94 -12.21 7.85 13.32
C MET B 94 -10.76 7.95 12.87
N ASP B 95 -10.44 7.33 11.73
CA ASP B 95 -9.06 7.27 11.25
C ASP B 95 -8.76 8.58 10.51
N PHE B 96 -8.25 9.57 11.25
CA PHE B 96 -7.95 10.85 10.63
C PHE B 96 -6.57 10.89 10.02
N PHE B 97 -5.83 9.78 10.04
CA PHE B 97 -4.58 9.69 9.31
C PHE B 97 -4.78 9.13 7.90
N ASN B 98 -5.49 8.01 7.77
CA ASN B 98 -5.85 7.44 6.46
C ASN B 98 -7.15 8.01 5.90
N ASP B 99 -7.84 8.85 6.68
CA ASP B 99 -9.06 9.56 6.28
C ASP B 99 -10.21 8.61 5.99
N ASN B 100 -10.60 7.80 6.97
CA ASN B 100 -11.78 6.96 6.80
C ASN B 100 -12.40 6.67 8.17
N ILE B 101 -13.55 6.02 8.13
CA ILE B 101 -14.28 5.62 9.33
C ILE B 101 -14.41 4.11 9.27
N ILE B 102 -13.79 3.43 10.22
CA ILE B 102 -13.72 1.98 10.19
C ILE B 102 -14.56 1.40 11.32
N HIS B 103 -15.27 0.32 11.02
CA HIS B 103 -16.08 -0.40 11.99
C HIS B 103 -15.23 -1.42 12.74
N LYS B 104 -15.73 -1.85 13.90
CA LYS B 104 -14.98 -2.77 14.74
C LYS B 104 -14.55 -4.02 13.98
N ALA B 105 -15.33 -4.47 13.01
CA ALA B 105 -15.01 -5.68 12.26
C ALA B 105 -14.15 -5.42 11.03
N GLY B 106 -13.87 -4.16 10.71
CA GLY B 106 -12.86 -3.84 9.71
C GLY B 106 -13.37 -3.26 8.41
N LYS B 107 -14.68 -3.22 8.18
CA LYS B 107 -15.19 -2.55 6.97
C LYS B 107 -15.34 -1.05 7.21
N TYR B 108 -15.59 -0.31 6.13
CA TYR B 108 -15.58 1.15 6.18
C TYR B 108 -16.95 1.72 5.82
N ILE B 109 -17.21 2.93 6.31
CA ILE B 109 -18.37 3.66 5.82
C ILE B 109 -18.12 4.13 4.40
N HIS B 110 -19.04 3.80 3.49
CA HIS B 110 -19.03 4.17 2.09
C HIS B 110 -20.29 4.92 1.72
N PRO B 111 -20.25 5.77 0.70
CA PRO B 111 -21.49 6.15 0.02
C PRO B 111 -21.99 4.96 -0.78
N LYS B 112 -23.28 4.69 -0.71
CA LYS B 112 -23.85 3.61 -1.52
C LYS B 112 -23.63 3.91 -2.99
N GLY B 113 -22.98 2.98 -3.68
CA GLY B 113 -22.62 3.18 -5.05
C GLY B 113 -21.18 3.62 -5.25
N GLY B 114 -20.51 4.03 -4.19
CA GLY B 114 -19.07 4.29 -4.26
C GLY B 114 -18.67 5.43 -5.17
N SER B 115 -19.47 6.48 -5.24
CA SER B 115 -19.14 7.61 -6.09
C SER B 115 -18.28 8.61 -5.35
N THR B 116 -17.35 9.25 -6.07
CA THR B 116 -16.69 10.41 -5.47
C THR B 116 -17.53 11.68 -5.57
N ASN B 117 -18.65 11.64 -6.27
CA ASN B 117 -19.57 12.76 -6.34
C ASN B 117 -21.00 12.26 -6.16
N PRO B 118 -21.33 11.72 -4.99
CA PRO B 118 -22.68 11.25 -4.75
C PRO B 118 -23.63 12.43 -4.61
N PRO B 119 -24.83 12.33 -5.18
CA PRO B 119 -25.80 13.43 -5.04
C PRO B 119 -26.39 13.46 -3.64
N ASN B 120 -27.02 14.59 -3.33
CA ASN B 120 -27.74 14.72 -2.07
C ASN B 120 -28.70 13.55 -1.90
N GLU B 121 -28.81 13.08 -0.66
CA GLU B 121 -29.67 11.98 -0.18
C GLU B 121 -29.09 10.60 -0.48
N THR B 122 -27.87 10.50 -1.01
CA THR B 122 -27.26 9.19 -1.22
C THR B 122 -27.11 8.48 0.12
N LEU B 123 -27.56 7.22 0.19
CA LEU B 123 -27.42 6.47 1.42
C LEU B 123 -25.97 6.12 1.66
N THR B 124 -25.66 5.74 2.90
CA THR B 124 -24.34 5.21 3.23
C THR B 124 -24.46 3.75 3.63
N VAL B 125 -23.39 2.98 3.37
CA VAL B 125 -23.34 1.55 3.62
C VAL B 125 -21.94 1.17 4.09
N MET B 126 -21.84 -0.02 4.70
CA MET B 126 -20.56 -0.62 5.03
C MET B 126 -20.00 -1.32 3.82
N HIS B 127 -18.68 -1.21 3.62
CA HIS B 127 -18.02 -1.96 2.56
C HIS B 127 -16.54 -2.06 2.89
N GLY B 128 -15.94 -3.17 2.52
CA GLY B 128 -14.54 -3.38 2.85
C GLY B 128 -13.54 -2.70 1.94
N ASP B 129 -13.97 -2.28 0.74
CA ASP B 129 -13.05 -1.69 -0.22
C ASP B 129 -12.50 -0.37 0.29
N LYS B 130 -11.26 -0.06 -0.12
CA LYS B 130 -10.60 1.20 0.15
C LYS B 130 -10.32 1.91 -1.16
N HIS B 131 -10.75 3.17 -1.27
CA HIS B 131 -10.54 3.97 -2.47
C HIS B 131 -10.91 5.40 -2.11
N LYS B 132 -10.83 6.30 -3.09
CA LYS B 132 -11.04 7.71 -2.77
C LYS B 132 -12.49 8.03 -2.43
N ALA B 133 -13.44 7.21 -2.87
CA ALA B 133 -14.83 7.54 -2.62
C ALA B 133 -15.28 7.20 -1.20
N MET B 134 -14.49 6.45 -0.43
CA MET B 134 -14.86 6.15 0.96
C MET B 134 -14.09 6.99 1.96
N GLU B 135 -13.35 8.01 1.51
CA GLU B 135 -12.58 8.84 2.41
C GLU B 135 -13.45 9.92 3.04
N PHE B 136 -13.23 10.17 4.32
CA PHE B 136 -13.93 11.21 5.09
C PHE B 136 -12.92 12.00 5.91
N ILE B 137 -13.20 13.28 6.09
CA ILE B 137 -12.43 14.11 7.01
C ILE B 137 -13.43 14.77 7.95
N PHE B 138 -12.89 15.28 9.06
CA PHE B 138 -13.70 15.70 10.21
C PHE B 138 -13.34 17.13 10.52
N VAL B 139 -14.32 18.03 10.40
CA VAL B 139 -14.01 19.46 10.29
C VAL B 139 -14.87 20.27 11.26
N SER B 140 -14.49 21.54 11.42
CA SER B 140 -15.20 22.45 12.31
C SER B 140 -16.59 22.78 11.77
N PRO B 141 -17.61 22.79 12.63
CA PRO B 141 -18.93 23.31 12.21
C PRO B 141 -18.88 24.75 11.71
N LYS B 142 -17.91 25.53 12.14
CA LYS B 142 -17.78 26.93 11.69
C LYS B 142 -16.92 27.10 10.46
N ASP B 143 -16.24 26.05 10.01
CA ASP B 143 -15.33 26.18 8.87
C ASP B 143 -15.13 24.77 8.32
N LYS B 144 -15.86 24.43 7.26
CA LYS B 144 -15.87 23.07 6.75
C LYS B 144 -14.55 22.64 6.10
N ASP B 145 -13.52 23.50 6.07
CA ASP B 145 -12.21 23.13 5.57
C ASP B 145 -11.18 22.97 6.67
N LYS B 146 -11.52 23.28 7.91
CA LYS B 146 -10.58 23.21 9.02
C LYS B 146 -10.78 21.87 9.73
N ARG B 147 -9.79 20.97 9.61
CA ARG B 147 -9.87 19.69 10.31
C ARG B 147 -9.78 19.89 11.81
N VAL B 148 -10.55 19.11 12.55
CA VAL B 148 -10.56 19.18 14.01
C VAL B 148 -10.33 17.80 14.59
N LEU B 149 -9.78 17.78 15.80
CA LEU B 149 -9.48 16.54 16.53
C LEU B 149 -10.75 16.00 17.16
N VAL B 150 -11.25 14.87 16.65
CA VAL B 150 -12.51 14.32 17.16
C VAL B 150 -12.34 13.56 18.46
N TYR B 151 -11.12 13.21 18.84
CA TYR B 151 -10.88 12.35 19.98
C TYR B 151 -10.75 13.12 21.29
N VAL B 152 -10.83 14.44 21.26
CA VAL B 152 -10.70 15.22 22.49
C VAL B 152 -11.97 16.05 22.72
N THR C 4 0.47 -16.57 -28.22
CA THR C 4 0.71 -15.13 -28.33
C THR C 4 -0.55 -14.34 -28.00
N THR C 5 -1.72 -14.89 -28.36
CA THR C 5 -2.97 -14.18 -28.21
C THR C 5 -3.58 -14.41 -26.83
N PHE C 6 -4.31 -13.40 -26.36
CA PHE C 6 -4.91 -13.45 -25.04
C PHE C 6 -6.15 -12.57 -25.05
N LEU C 7 -6.98 -12.76 -24.04
CA LEU C 7 -8.12 -11.91 -23.77
C LEU C 7 -7.78 -10.96 -22.63
N ILE C 8 -8.22 -9.71 -22.75
CA ILE C 8 -8.05 -8.73 -21.69
C ILE C 8 -9.35 -8.69 -20.89
N LYS C 9 -9.33 -9.31 -19.71
CA LYS C 9 -10.54 -9.55 -18.93
C LYS C 9 -10.60 -8.58 -17.75
N HIS C 10 -11.64 -7.76 -17.72
CA HIS C 10 -11.96 -6.95 -16.55
C HIS C 10 -12.11 -7.88 -15.35
N LYS C 11 -11.25 -7.73 -14.34
CA LYS C 11 -11.16 -8.75 -13.29
C LYS C 11 -12.47 -8.89 -12.51
N ALA C 12 -13.07 -7.76 -12.12
CA ALA C 12 -14.23 -7.84 -11.23
C ALA C 12 -15.46 -8.38 -11.95
N SER C 13 -15.68 -7.95 -13.20
CA SER C 13 -16.89 -8.26 -13.92
C SER C 13 -16.77 -9.48 -14.82
N GLY C 14 -15.58 -9.80 -15.29
CA GLY C 14 -15.44 -10.84 -16.28
C GLY C 14 -15.77 -10.41 -17.69
N LYS C 15 -16.10 -9.15 -17.91
CA LYS C 15 -16.22 -8.69 -19.28
C LYS C 15 -14.83 -8.45 -19.86
N PHE C 16 -14.76 -8.34 -21.19
CA PHE C 16 -13.49 -8.27 -21.90
C PHE C 16 -13.40 -6.99 -22.71
N LEU C 17 -12.16 -6.62 -23.04
CA LEU C 17 -11.91 -5.50 -23.94
C LEU C 17 -12.25 -5.90 -25.38
N HIS C 18 -13.01 -5.05 -26.05
CA HIS C 18 -13.48 -5.20 -27.43
C HIS C 18 -13.26 -3.90 -28.18
N PRO C 19 -13.02 -3.95 -29.48
CA PRO C 19 -13.30 -2.78 -30.30
C PRO C 19 -14.80 -2.59 -30.39
N LYS C 20 -15.24 -1.35 -30.23
CA LYS C 20 -16.67 -1.07 -30.36
C LYS C 20 -17.15 -1.54 -31.73
N GLY C 21 -18.18 -2.36 -31.73
CA GLY C 21 -18.66 -2.98 -32.96
C GLY C 21 -18.05 -4.34 -33.26
N GLY C 22 -16.98 -4.71 -32.56
CA GLY C 22 -16.39 -6.02 -32.72
C GLY C 22 -15.95 -6.35 -34.12
N SER C 23 -15.51 -5.36 -34.88
CA SER C 23 -15.04 -5.62 -36.23
C SER C 23 -13.67 -6.27 -36.23
N SER C 24 -13.43 -7.12 -37.23
CA SER C 24 -12.07 -7.60 -37.44
C SER C 24 -11.15 -6.50 -37.96
N ASN C 25 -11.69 -5.41 -38.49
CA ASN C 25 -10.87 -4.28 -38.96
C ASN C 25 -11.51 -2.98 -38.52
N PRO C 26 -11.41 -2.64 -37.24
CA PRO C 26 -11.96 -1.36 -36.77
C PRO C 26 -11.29 -0.19 -37.46
N ALA C 27 -12.06 0.85 -37.73
CA ALA C 27 -11.49 2.07 -38.27
C ALA C 27 -10.59 2.73 -37.22
N ASN C 28 -9.65 3.54 -37.69
CA ASN C 28 -8.83 4.31 -36.78
C ASN C 28 -9.72 5.12 -35.84
N ASP C 29 -9.26 5.24 -34.58
CA ASP C 29 -9.97 5.92 -33.49
C ASP C 29 -11.27 5.24 -33.11
N THR C 30 -11.45 3.96 -33.44
CA THR C 30 -12.55 3.19 -32.88
C THR C 30 -12.37 3.03 -31.37
N ASN C 31 -13.44 3.32 -30.62
CA ASN C 31 -13.38 3.20 -29.16
C ASN C 31 -13.21 1.74 -28.72
N LEU C 32 -12.45 1.55 -27.64
CA LEU C 32 -12.40 0.26 -26.97
C LEU C 32 -13.41 0.22 -25.85
N VAL C 33 -14.26 -0.80 -25.86
CA VAL C 33 -15.33 -0.96 -24.89
C VAL C 33 -15.14 -2.29 -24.16
N LEU C 34 -15.98 -2.50 -23.16
CA LEU C 34 -16.05 -3.79 -22.47
C LEU C 34 -17.29 -4.53 -22.93
N HIS C 35 -17.14 -5.81 -23.23
CA HIS C 35 -18.27 -6.64 -23.67
C HIS C 35 -18.01 -8.06 -23.17
N SER C 36 -19.09 -8.79 -22.89
CA SER C 36 -18.96 -10.12 -22.34
C SER C 36 -18.68 -11.19 -23.38
N ASP C 37 -18.93 -10.89 -24.67
CA ASP C 37 -18.72 -11.88 -25.73
C ASP C 37 -17.25 -12.25 -25.87
N ILE C 38 -16.99 -13.49 -26.32
CA ILE C 38 -15.66 -13.93 -26.71
C ILE C 38 -15.70 -14.35 -28.18
N HIS C 39 -14.76 -13.83 -28.97
CA HIS C 39 -14.59 -14.22 -30.36
C HIS C 39 -13.24 -13.67 -30.84
N GLU C 40 -12.82 -14.12 -32.02
CA GLU C 40 -11.51 -13.75 -32.55
C GLU C 40 -11.32 -12.24 -32.69
N ARG C 41 -12.40 -11.48 -32.82
CA ARG C 41 -12.25 -10.04 -33.06
C ARG C 41 -12.04 -9.25 -31.78
N MET C 42 -11.90 -9.94 -30.64
CA MET C 42 -11.53 -9.27 -29.40
C MET C 42 -10.28 -9.91 -28.78
N TYR C 43 -9.52 -10.68 -29.56
CA TYR C 43 -8.22 -11.17 -29.13
C TYR C 43 -7.19 -10.06 -29.18
N PHE C 44 -6.24 -10.09 -28.25
CA PHE C 44 -5.16 -9.12 -28.26
C PHE C 44 -3.83 -9.84 -28.19
N GLN C 45 -2.80 -9.10 -28.59
CA GLN C 45 -1.40 -9.50 -28.48
C GLN C 45 -0.62 -8.33 -27.89
N PHE C 46 0.60 -8.60 -27.46
CA PHE C 46 1.43 -7.54 -26.89
C PHE C 46 2.78 -7.56 -27.58
N ASP C 47 3.10 -6.47 -28.27
CA ASP C 47 4.36 -6.34 -28.98
C ASP C 47 5.35 -5.64 -28.07
N VAL C 48 6.36 -6.38 -27.60
CA VAL C 48 7.35 -5.81 -26.67
C VAL C 48 8.23 -4.82 -27.43
N VAL C 49 8.41 -3.64 -26.83
CA VAL C 49 9.25 -2.60 -27.41
C VAL C 49 10.50 -2.36 -26.56
N ASP C 50 10.32 -2.22 -25.24
CA ASP C 50 11.42 -1.84 -24.36
C ASP C 50 11.12 -2.44 -22.98
N GLU C 51 11.61 -3.67 -22.76
CA GLU C 51 11.42 -4.39 -21.50
C GLU C 51 9.94 -4.54 -21.18
N ARG C 52 9.43 -3.78 -20.22
CA ARG C 52 8.01 -3.88 -19.87
C ARG C 52 7.11 -3.15 -20.86
N TRP C 53 7.67 -2.21 -21.63
CA TRP C 53 6.86 -1.33 -22.46
C TRP C 53 6.62 -1.92 -23.83
N GLY C 54 5.39 -1.77 -24.31
CA GLY C 54 5.10 -2.22 -25.66
C GLY C 54 3.71 -1.81 -26.10
N TYR C 55 3.29 -2.37 -27.22
CA TYR C 55 2.04 -2.02 -27.86
C TYR C 55 1.01 -3.12 -27.60
N ILE C 56 -0.19 -2.71 -27.18
CA ILE C 56 -1.33 -3.61 -27.04
C ILE C 56 -2.01 -3.69 -28.40
N LYS C 57 -1.90 -4.84 -29.05
CA LYS C 57 -2.26 -5.00 -30.46
C LYS C 57 -3.56 -5.79 -30.57
N HIS C 58 -4.56 -5.18 -31.20
CA HIS C 58 -5.76 -5.90 -31.62
C HIS C 58 -5.38 -6.93 -32.67
N ALA C 59 -5.56 -8.22 -32.35
CA ALA C 59 -4.96 -9.28 -33.16
C ALA C 59 -5.51 -9.29 -34.58
N ALA C 60 -6.83 -9.13 -34.73
CA ALA C 60 -7.45 -9.28 -36.05
C ALA C 60 -6.98 -8.20 -37.01
N SER C 61 -6.87 -6.95 -36.53
CA SER C 61 -6.61 -5.81 -37.41
C SER C 61 -5.17 -5.34 -37.40
N GLY C 62 -4.42 -5.59 -36.32
CA GLY C 62 -3.10 -5.04 -36.19
C GLY C 62 -3.04 -3.62 -35.68
N LYS C 63 -4.16 -2.93 -35.54
CA LYS C 63 -4.13 -1.63 -34.89
C LYS C 63 -3.85 -1.80 -33.40
N ILE C 64 -3.38 -0.73 -32.77
CA ILE C 64 -2.93 -0.82 -31.38
C ILE C 64 -3.69 0.17 -30.52
N VAL C 65 -3.59 0.00 -29.21
CA VAL C 65 -4.30 0.84 -28.25
C VAL C 65 -3.58 2.17 -28.09
N HIS C 66 -4.34 3.26 -28.21
CA HIS C 66 -3.91 4.64 -28.04
C HIS C 66 -4.82 5.36 -27.06
N PRO C 67 -4.27 6.28 -26.28
CA PRO C 67 -5.13 7.35 -25.74
C PRO C 67 -5.54 8.25 -26.90
N LEU C 68 -6.84 8.53 -26.99
CA LEU C 68 -7.35 9.34 -28.09
C LEU C 68 -6.59 10.66 -28.15
N GLY C 69 -5.99 10.94 -29.31
CA GLY C 69 -5.14 12.08 -29.50
C GLY C 69 -3.65 11.78 -29.45
N GLY C 70 -3.28 10.70 -28.77
CA GLY C 70 -1.89 10.27 -28.71
C GLY C 70 -0.97 11.14 -27.87
N LYS C 71 -1.49 11.85 -26.88
CA LYS C 71 -0.65 12.70 -26.06
C LYS C 71 0.25 11.89 -25.13
N ALA C 72 1.41 12.46 -24.80
CA ALA C 72 2.35 11.76 -23.93
C ALA C 72 1.79 11.62 -22.52
N ASP C 73 1.06 12.63 -22.05
CA ASP C 73 0.56 12.68 -20.68
C ASP C 73 -0.95 12.93 -20.73
N PRO C 74 -1.73 11.94 -21.13
CA PRO C 74 -3.16 12.16 -21.31
C PRO C 74 -3.83 12.37 -19.97
N PRO C 75 -4.82 13.25 -19.89
CA PRO C 75 -5.50 13.49 -18.63
C PRO C 75 -6.53 12.41 -18.32
N ASN C 76 -6.93 12.36 -17.05
CA ASN C 76 -8.04 11.51 -16.63
C ASN C 76 -9.23 11.68 -17.58
N GLU C 77 -9.90 10.55 -17.84
CA GLU C 77 -11.08 10.41 -18.70
C GLU C 77 -10.74 10.45 -20.19
N THR C 78 -9.46 10.50 -20.56
CA THR C 78 -9.08 10.36 -21.98
C THR C 78 -9.52 9.00 -22.48
N LYS C 79 -10.28 8.97 -23.57
CA LYS C 79 -10.79 7.70 -24.07
CA LYS C 79 -10.80 7.70 -24.07
C LYS C 79 -9.70 6.86 -24.71
N LEU C 80 -9.84 5.54 -24.60
CA LEU C 80 -8.94 4.62 -25.27
C LEU C 80 -9.54 4.21 -26.61
N VAL C 81 -8.70 4.20 -27.65
CA VAL C 81 -9.12 3.85 -29.01
C VAL C 81 -8.05 2.97 -29.63
N LEU C 82 -8.39 2.38 -30.78
CA LEU C 82 -7.44 1.69 -31.62
C LEU C 82 -6.98 2.60 -32.77
N HIS C 83 -5.70 2.52 -33.10
CA HIS C 83 -5.15 3.34 -34.18
C HIS C 83 -3.93 2.64 -34.76
N GLN C 84 -3.73 2.82 -36.06
CA GLN C 84 -2.64 2.10 -36.73
C GLN C 84 -1.26 2.63 -36.33
N ASP C 85 -1.16 3.90 -35.95
CA ASP C 85 0.14 4.52 -35.73
C ASP C 85 0.91 3.82 -34.62
N ARG C 86 2.24 3.77 -34.79
CA ARG C 86 3.17 3.28 -33.79
C ARG C 86 4.03 4.45 -33.32
N HIS C 87 3.98 4.76 -32.03
CA HIS C 87 4.89 5.76 -31.46
C HIS C 87 4.91 5.58 -29.95
N ASP C 88 5.84 6.27 -29.29
CA ASP C 88 6.10 5.96 -27.89
C ASP C 88 5.08 6.58 -26.95
N ARG C 89 4.03 7.23 -27.45
CA ARG C 89 2.92 7.62 -26.60
C ARG C 89 1.82 6.56 -26.55
N ALA C 90 1.94 5.52 -27.37
CA ALA C 90 1.08 4.36 -27.32
C ALA C 90 1.71 3.21 -26.53
N LEU C 91 2.68 3.51 -25.66
CA LEU C 91 3.40 2.49 -24.90
C LEU C 91 2.65 2.20 -23.61
N PHE C 92 2.36 0.93 -23.37
CA PHE C 92 1.73 0.45 -22.15
C PHE C 92 2.54 -0.71 -21.60
N ALA C 93 2.27 -1.04 -20.35
CA ALA C 93 2.84 -2.23 -19.72
C ALA C 93 1.70 -3.05 -19.12
N MET C 94 1.81 -4.38 -19.24
CA MET C 94 0.79 -5.32 -18.75
C MET C 94 1.23 -5.83 -17.39
N ASP C 95 0.77 -5.17 -16.32
CA ASP C 95 1.22 -5.47 -14.96
C ASP C 95 0.40 -6.66 -14.47
N PHE C 96 0.93 -7.87 -14.69
CA PHE C 96 0.21 -9.08 -14.30
C PHE C 96 0.46 -9.48 -12.84
N PHE C 97 1.23 -8.69 -12.10
CA PHE C 97 1.37 -8.87 -10.67
C PHE C 97 0.37 -8.03 -9.89
N ASN C 98 0.27 -6.74 -10.20
CA ASN C 98 -0.72 -5.88 -9.57
C ASN C 98 -2.07 -5.90 -10.29
N ASP C 99 -2.15 -6.57 -11.44
CA ASP C 99 -3.37 -6.76 -12.22
C ASP C 99 -3.94 -5.43 -12.72
N ASN C 100 -3.14 -4.72 -13.52
CA ASN C 100 -3.66 -3.54 -14.21
C ASN C 100 -2.88 -3.34 -15.51
N ILE C 101 -3.33 -2.36 -16.30
CA ILE C 101 -2.65 -1.97 -17.52
C ILE C 101 -2.28 -0.51 -17.37
N ILE C 102 -0.97 -0.22 -17.37
CA ILE C 102 -0.46 1.10 -17.05
C ILE C 102 0.14 1.74 -18.29
N HIS C 103 -0.14 3.03 -18.49
CA HIS C 103 0.40 3.79 -19.59
C HIS C 103 1.78 4.34 -19.24
N LYS C 104 2.54 4.73 -20.27
CA LYS C 104 3.91 5.20 -20.05
C LYS C 104 3.98 6.36 -19.06
N ALA C 105 2.95 7.19 -18.99
CA ALA C 105 2.97 8.33 -18.08
C ALA C 105 2.31 8.04 -16.73
N GLY C 106 1.85 6.81 -16.50
CA GLY C 106 1.53 6.37 -15.16
C GLY C 106 0.06 6.18 -14.85
N LYS C 107 -0.87 6.64 -15.70
CA LYS C 107 -2.27 6.36 -15.44
C LYS C 107 -2.63 4.97 -15.96
N TYR C 108 -3.83 4.50 -15.61
CA TYR C 108 -4.25 3.14 -15.91
C TYR C 108 -5.48 3.13 -16.80
N ILE C 109 -5.68 2.00 -17.49
CA ILE C 109 -6.94 1.77 -18.21
C ILE C 109 -8.04 1.48 -17.19
N HIS C 110 -9.15 2.21 -17.29
CA HIS C 110 -10.33 2.11 -16.45
C HIS C 110 -11.55 1.89 -17.33
N PRO C 111 -12.59 1.23 -16.82
CA PRO C 111 -13.90 1.40 -17.42
C PRO C 111 -14.41 2.79 -17.12
N LYS C 112 -15.05 3.41 -18.12
CA LYS C 112 -15.59 4.76 -17.90
C LYS C 112 -16.64 4.70 -16.80
N GLY C 113 -16.46 5.51 -15.76
CA GLY C 113 -17.37 5.48 -14.65
C GLY C 113 -16.94 4.61 -13.49
N GLY C 114 -15.90 3.80 -13.65
CA GLY C 114 -15.27 3.15 -12.52
C GLY C 114 -16.06 2.05 -11.85
N SER C 115 -16.91 1.34 -12.58
CA SER C 115 -17.75 0.31 -11.98
C SER C 115 -17.07 -1.04 -11.98
N THR C 116 -17.27 -1.81 -10.90
CA THR C 116 -16.85 -3.20 -10.92
C THR C 116 -17.83 -4.10 -11.66
N ASN C 117 -18.97 -3.56 -12.10
CA ASN C 117 -19.90 -4.32 -12.94
C ASN C 117 -20.39 -3.43 -14.07
N PRO C 118 -19.50 -3.02 -14.98
CA PRO C 118 -19.91 -2.18 -16.09
C PRO C 118 -20.72 -2.98 -17.10
N PRO C 119 -21.78 -2.40 -17.66
CA PRO C 119 -22.55 -3.11 -18.68
C PRO C 119 -21.79 -3.20 -19.99
N ASN C 120 -22.29 -4.09 -20.87
CA ASN C 120 -21.75 -4.15 -22.21
C ASN C 120 -21.81 -2.78 -22.87
N GLU C 121 -20.78 -2.50 -23.68
CA GLU C 121 -20.56 -1.27 -24.46
C GLU C 121 -19.99 -0.14 -23.61
N THR C 122 -19.66 -0.38 -22.34
CA THR C 122 -19.03 0.65 -21.52
C THR C 122 -17.68 1.06 -22.10
N LEU C 123 -17.48 2.35 -22.32
CA LEU C 123 -16.22 2.86 -22.83
C LEU C 123 -15.11 2.64 -21.81
N THR C 124 -13.86 2.73 -22.28
CA THR C 124 -12.71 2.69 -21.39
C THR C 124 -11.96 4.02 -21.48
N VAL C 125 -11.37 4.43 -20.35
CA VAL C 125 -10.69 5.71 -20.25
C VAL C 125 -9.41 5.55 -19.44
N MET C 126 -8.51 6.52 -19.58
CA MET C 126 -7.34 6.63 -18.71
C MET C 126 -7.73 7.30 -17.41
N HIS C 127 -7.20 6.79 -16.31
CA HIS C 127 -7.40 7.45 -15.02
C HIS C 127 -6.30 7.03 -14.06
N GLY C 128 -5.89 7.98 -13.21
CA GLY C 128 -4.82 7.71 -12.26
C GLY C 128 -5.21 6.87 -11.07
N ASP C 129 -6.50 6.81 -10.73
CA ASP C 129 -6.94 6.10 -9.53
C ASP C 129 -6.63 4.61 -9.61
N LYS C 130 -6.49 4.00 -8.44
CA LYS C 130 -6.23 2.58 -8.30
C LYS C 130 -7.29 1.98 -7.38
N HIS C 131 -8.02 0.98 -7.88
CA HIS C 131 -9.06 0.33 -7.10
C HIS C 131 -9.47 -0.96 -7.82
N LYS C 132 -10.46 -1.66 -7.27
CA LYS C 132 -10.77 -2.97 -7.84
C LYS C 132 -11.41 -2.86 -9.21
N ALA C 133 -12.02 -1.72 -9.55
CA ALA C 133 -12.71 -1.59 -10.82
C ALA C 133 -11.76 -1.33 -11.99
N MET C 134 -10.48 -1.05 -11.74
CA MET C 134 -9.53 -0.87 -12.83
C MET C 134 -8.60 -2.06 -12.99
N GLU C 135 -8.90 -3.18 -12.33
CA GLU C 135 -8.06 -4.36 -12.42
C GLU C 135 -8.44 -5.20 -13.64
N PHE C 136 -7.42 -5.78 -14.27
CA PHE C 136 -7.54 -6.59 -15.47
C PHE C 136 -6.60 -7.78 -15.34
N ILE C 137 -7.05 -8.94 -15.81
CA ILE C 137 -6.18 -10.09 -15.93
C ILE C 137 -6.18 -10.51 -17.40
N PHE C 138 -5.21 -11.35 -17.75
CA PHE C 138 -4.90 -11.67 -19.15
C PHE C 138 -4.96 -13.19 -19.30
N VAL C 139 -5.90 -13.67 -20.11
CA VAL C 139 -6.33 -15.06 -20.04
C VAL C 139 -6.34 -15.70 -21.41
N SER C 140 -6.40 -17.04 -21.41
CA SER C 140 -6.36 -17.81 -22.64
C SER C 140 -7.62 -17.58 -23.46
N PRO C 141 -7.49 -17.39 -24.78
CA PRO C 141 -8.69 -17.32 -25.62
C PRO C 141 -9.53 -18.58 -25.56
N LYS C 142 -8.93 -19.72 -25.20
CA LYS C 142 -9.68 -20.97 -25.08
C LYS C 142 -10.19 -21.25 -23.67
N ASP C 143 -9.82 -20.43 -22.69
CA ASP C 143 -10.26 -20.67 -21.31
C ASP C 143 -10.17 -19.34 -20.57
N LYS C 144 -11.29 -18.63 -20.47
CA LYS C 144 -11.29 -17.28 -19.91
C LYS C 144 -10.92 -17.26 -18.43
N ASP C 145 -10.69 -18.40 -17.77
CA ASP C 145 -10.26 -18.40 -16.38
C ASP C 145 -8.81 -18.83 -16.20
N LYS C 146 -8.08 -19.07 -17.29
CA LYS C 146 -6.68 -19.48 -17.21
C LYS C 146 -5.79 -18.29 -17.59
N ARG C 147 -5.05 -17.75 -16.63
CA ARG C 147 -4.11 -16.67 -16.93
C ARG C 147 -3.01 -17.19 -17.85
N VAL C 148 -2.62 -16.35 -18.81
CA VAL C 148 -1.51 -16.65 -19.70
C VAL C 148 -0.49 -15.53 -19.65
N LEU C 149 0.77 -15.86 -19.94
CA LEU C 149 1.86 -14.91 -19.96
C LEU C 149 1.80 -14.10 -21.25
N VAL C 150 1.55 -12.79 -21.15
CA VAL C 150 1.44 -11.95 -22.34
C VAL C 150 2.79 -11.54 -22.90
N TYR C 151 3.86 -11.66 -22.14
CA TYR C 151 5.13 -11.12 -22.59
C TYR C 151 5.88 -12.07 -23.52
N VAL C 152 5.67 -13.38 -23.43
CA VAL C 152 6.28 -14.27 -24.41
C VAL C 152 5.66 -14.02 -25.77
N MET D 3 16.28 -18.57 -23.58
CA MET D 3 15.75 -17.43 -22.82
C MET D 3 16.84 -16.39 -22.55
N THR D 4 16.39 -15.16 -22.29
CA THR D 4 17.30 -14.04 -22.10
C THR D 4 18.20 -14.27 -20.88
N THR D 5 19.45 -13.85 -21.00
CA THR D 5 20.40 -13.91 -19.90
C THR D 5 20.43 -12.57 -19.18
N PHE D 6 20.47 -12.61 -17.85
CA PHE D 6 20.36 -11.38 -17.07
C PHE D 6 21.08 -11.52 -15.75
N LEU D 7 21.32 -10.37 -15.12
CA LEU D 7 21.88 -10.30 -13.78
C LEU D 7 20.76 -9.98 -12.81
N ILE D 8 20.82 -10.59 -11.63
CA ILE D 8 19.86 -10.30 -10.56
C ILE D 8 20.53 -9.30 -9.63
N LYS D 9 20.09 -8.05 -9.70
CA LYS D 9 20.76 -6.95 -9.02
C LYS D 9 19.95 -6.49 -7.81
N HIS D 10 20.56 -6.57 -6.64
CA HIS D 10 19.98 -5.98 -5.44
C HIS D 10 19.81 -4.48 -5.67
N LYS D 11 18.57 -4.01 -5.63
CA LYS D 11 18.27 -2.68 -6.16
C LYS D 11 18.97 -1.57 -5.37
N ALA D 12 18.94 -1.64 -4.04
CA ALA D 12 19.45 -0.54 -3.24
C ALA D 12 20.98 -0.48 -3.24
N SER D 13 21.64 -1.63 -3.34
CA SER D 13 23.09 -1.69 -3.21
C SER D 13 23.82 -1.84 -4.53
N GLY D 14 23.18 -2.41 -5.55
CA GLY D 14 23.88 -2.72 -6.77
C GLY D 14 24.72 -3.98 -6.74
N LYS D 15 24.74 -4.70 -5.62
CA LYS D 15 25.36 -6.03 -5.64
C LYS D 15 24.46 -7.01 -6.37
N PHE D 16 25.02 -8.18 -6.70
CA PHE D 16 24.34 -9.15 -7.55
C PHE D 16 24.23 -10.50 -6.86
N LEU D 17 23.24 -11.29 -7.28
CA LEU D 17 23.14 -12.67 -6.81
C LEU D 17 24.22 -13.53 -7.44
N HIS D 18 24.95 -14.28 -6.61
CA HIS D 18 26.02 -15.19 -6.98
C HIS D 18 25.84 -16.54 -6.30
N PRO D 19 26.32 -17.61 -6.92
CA PRO D 19 26.61 -18.81 -6.14
C PRO D 19 27.82 -18.54 -5.27
N LYS D 20 27.77 -19.01 -4.03
CA LYS D 20 28.92 -18.90 -3.14
C LYS D 20 30.13 -19.53 -3.81
N GLY D 21 31.21 -18.76 -3.92
CA GLY D 21 32.41 -19.19 -4.59
C GLY D 21 32.47 -18.88 -6.07
N GLY D 22 31.33 -18.59 -6.68
CA GLY D 22 31.31 -18.19 -8.08
C GLY D 22 31.73 -19.26 -9.07
N SER D 23 31.46 -20.53 -8.76
CA SER D 23 31.81 -21.63 -9.64
C SER D 23 30.86 -21.72 -10.83
N SER D 24 31.37 -22.23 -11.94
CA SER D 24 30.51 -22.53 -13.09
C SER D 24 29.68 -23.78 -12.86
N ASN D 25 30.04 -24.61 -11.88
CA ASN D 25 29.28 -25.81 -11.53
C ASN D 25 29.19 -25.91 -10.02
N PRO D 26 28.39 -25.05 -9.40
CA PRO D 26 28.22 -25.14 -7.94
C PRO D 26 27.69 -26.51 -7.53
N ALA D 27 28.15 -26.99 -6.38
CA ALA D 27 27.58 -28.21 -5.82
C ALA D 27 26.11 -28.00 -5.44
N ASN D 28 25.35 -29.09 -5.39
CA ASN D 28 23.99 -28.97 -4.89
C ASN D 28 23.99 -28.38 -3.48
N ASP D 29 23.01 -27.52 -3.21
CA ASP D 29 22.81 -26.82 -1.94
C ASP D 29 23.86 -25.76 -1.66
N THR D 30 24.59 -25.33 -2.69
CA THR D 30 25.47 -24.18 -2.58
C THR D 30 24.65 -22.94 -2.28
N ASN D 31 25.06 -22.18 -1.28
CA ASN D 31 24.33 -20.98 -0.90
C ASN D 31 24.38 -19.92 -1.99
N LEU D 32 23.28 -19.18 -2.13
CA LEU D 32 23.23 -18.00 -2.98
C LEU D 32 23.54 -16.76 -2.15
N VAL D 33 24.51 -15.97 -2.62
CA VAL D 33 24.99 -14.82 -1.86
C VAL D 33 24.95 -13.60 -2.78
N LEU D 34 25.18 -12.44 -2.15
CA LEU D 34 25.31 -11.18 -2.87
C LEU D 34 26.78 -10.81 -3.00
N HIS D 35 27.19 -10.39 -4.20
CA HIS D 35 28.56 -10.00 -4.47
C HIS D 35 28.57 -8.94 -5.57
N SER D 36 29.56 -8.04 -5.51
CA SER D 36 29.61 -6.92 -6.44
C SER D 36 30.17 -7.29 -7.81
N ASP D 37 30.90 -8.39 -7.92
CA ASP D 37 31.52 -8.79 -9.19
C ASP D 37 30.48 -9.14 -10.25
N ILE D 38 30.83 -8.88 -11.51
CA ILE D 38 30.09 -9.37 -12.66
C ILE D 38 30.99 -10.32 -13.46
N HIS D 39 30.49 -11.52 -13.73
CA HIS D 39 31.16 -12.49 -14.60
C HIS D 39 30.14 -13.54 -15.03
N GLU D 40 30.57 -14.42 -15.94
CA GLU D 40 29.64 -15.36 -16.55
C GLU D 40 29.02 -16.32 -15.53
N ARG D 41 29.65 -16.51 -14.38
CA ARG D 41 29.19 -17.49 -13.41
C ARG D 41 28.18 -16.91 -12.42
N MET D 42 27.71 -15.69 -12.65
CA MET D 42 26.59 -15.15 -11.91
C MET D 42 25.46 -14.72 -12.85
N TYR D 43 25.51 -15.13 -14.11
CA TYR D 43 24.40 -14.95 -15.04
C TYR D 43 23.26 -15.89 -14.68
N PHE D 44 22.04 -15.39 -14.80
CA PHE D 44 20.87 -16.23 -14.61
C PHE D 44 19.99 -16.20 -15.84
N GLN D 45 19.06 -17.14 -15.86
CA GLN D 45 18.02 -17.25 -16.86
C GLN D 45 16.74 -17.59 -16.11
N PHE D 46 15.60 -17.48 -16.78
CA PHE D 46 14.33 -17.82 -16.17
C PHE D 46 13.56 -18.76 -17.08
N ASP D 47 13.25 -19.95 -16.57
CA ASP D 47 12.53 -20.98 -17.30
C ASP D 47 11.06 -20.92 -16.89
N VAL D 48 10.21 -20.41 -17.77
CA VAL D 48 8.79 -20.26 -17.47
C VAL D 48 8.14 -21.65 -17.41
N VAL D 49 7.39 -21.90 -16.35
CA VAL D 49 6.67 -23.16 -16.18
C VAL D 49 5.16 -22.97 -16.30
N ASP D 50 4.63 -21.90 -15.72
CA ASP D 50 3.17 -21.74 -15.64
C ASP D 50 2.89 -20.24 -15.47
N GLU D 51 2.72 -19.54 -16.60
CA GLU D 51 2.49 -18.09 -16.65
C GLU D 51 3.60 -17.33 -15.93
N ARG D 52 3.32 -16.79 -14.72
CA ARG D 52 4.36 -16.05 -14.00
C ARG D 52 5.37 -16.98 -13.33
N TRP D 53 5.04 -18.24 -13.12
CA TRP D 53 5.86 -19.13 -12.31
C TRP D 53 6.90 -19.86 -13.14
N GLY D 54 8.09 -19.99 -12.58
CA GLY D 54 9.15 -20.68 -13.29
C GLY D 54 10.36 -20.88 -12.41
N TYR D 55 11.44 -21.34 -13.04
CA TYR D 55 12.69 -21.66 -12.35
C TYR D 55 13.74 -20.59 -12.60
N ILE D 56 14.34 -20.10 -11.52
CA ILE D 56 15.48 -19.20 -11.61
C ILE D 56 16.72 -20.07 -11.80
N LYS D 57 17.29 -20.02 -13.00
CA LYS D 57 18.30 -21.00 -13.42
C LYS D 57 19.67 -20.33 -13.45
N HIS D 58 20.62 -20.89 -12.71
CA HIS D 58 22.02 -20.49 -12.82
C HIS D 58 22.54 -20.87 -14.21
N ALA D 59 22.89 -19.87 -15.02
CA ALA D 59 23.10 -20.12 -16.44
C ALA D 59 24.27 -21.06 -16.69
N ALA D 60 25.33 -20.94 -15.90
CA ALA D 60 26.55 -21.69 -16.18
C ALA D 60 26.38 -23.17 -15.86
N SER D 61 25.54 -23.50 -14.90
CA SER D 61 25.45 -24.86 -14.38
C SER D 61 24.14 -25.55 -14.71
N GLY D 62 23.08 -24.79 -14.99
CA GLY D 62 21.77 -25.36 -15.16
C GLY D 62 21.02 -25.63 -13.87
N LYS D 63 21.67 -25.50 -12.71
CA LYS D 63 20.98 -25.66 -11.45
C LYS D 63 20.10 -24.45 -11.17
N ILE D 64 19.08 -24.66 -10.33
CA ILE D 64 18.07 -23.63 -10.12
C ILE D 64 17.95 -23.26 -8.65
N VAL D 65 17.29 -22.13 -8.40
CA VAL D 65 17.15 -21.61 -7.05
C VAL D 65 16.08 -22.41 -6.30
N HIS D 66 16.41 -22.84 -5.08
CA HIS D 66 15.56 -23.52 -4.11
C HIS D 66 15.65 -22.83 -2.76
N PRO D 67 14.57 -22.81 -2.00
CA PRO D 67 14.72 -22.70 -0.55
C PRO D 67 15.37 -23.99 -0.06
N LEU D 68 16.38 -23.87 0.78
CA LEU D 68 17.08 -25.05 1.28
C LEU D 68 16.07 -26.03 1.86
N GLY D 69 16.08 -27.24 1.33
CA GLY D 69 15.16 -28.29 1.77
C GLY D 69 13.95 -28.48 0.89
N GLY D 70 13.65 -27.54 0.02
CA GLY D 70 12.59 -27.71 -0.96
C GLY D 70 11.18 -27.82 -0.40
N LYS D 71 10.90 -27.17 0.73
CA LYS D 71 9.55 -27.26 1.28
C LYS D 71 8.59 -26.28 0.60
N ALA D 72 7.32 -26.68 0.53
CA ALA D 72 6.30 -25.86 -0.13
C ALA D 72 6.17 -24.50 0.53
N ASP D 73 6.17 -24.45 1.86
CA ASP D 73 5.92 -23.22 2.63
C ASP D 73 7.08 -22.95 3.57
N PRO D 74 8.24 -22.56 3.04
CA PRO D 74 9.42 -22.38 3.89
C PRO D 74 9.25 -21.22 4.84
N PRO D 75 9.75 -21.34 6.06
CA PRO D 75 9.61 -20.24 7.02
C PRO D 75 10.63 -19.14 6.75
N ASN D 76 10.34 -17.97 7.32
CA ASN D 76 11.30 -16.88 7.37
C ASN D 76 12.67 -17.39 7.76
N GLU D 77 13.69 -16.86 7.10
CA GLU D 77 15.12 -17.10 7.28
C GLU D 77 15.60 -18.36 6.59
N THR D 78 14.73 -19.11 5.91
CA THR D 78 15.16 -20.24 5.10
C THR D 78 16.14 -19.78 4.03
N LYS D 79 17.30 -20.43 3.95
CA LYS D 79 18.35 -20.01 3.04
C LYS D 79 18.02 -20.39 1.60
N LEU D 80 18.41 -19.52 0.66
CA LEU D 80 18.35 -19.86 -0.76
C LEU D 80 19.63 -20.53 -1.21
N VAL D 81 19.46 -21.59 -2.02
CA VAL D 81 20.57 -22.41 -2.48
C VAL D 81 20.32 -22.77 -3.94
N LEU D 82 21.33 -23.34 -4.58
CA LEU D 82 21.17 -23.90 -5.92
C LEU D 82 21.05 -25.41 -5.83
N HIS D 83 20.19 -25.97 -6.67
CA HIS D 83 20.00 -27.41 -6.66
C HIS D 83 19.54 -27.85 -8.04
N GLN D 84 19.94 -29.07 -8.41
N GLN D 84 19.93 -29.07 -8.42
CA GLN D 84 19.62 -29.59 -9.74
CA GLN D 84 19.61 -29.56 -9.75
C GLN D 84 18.15 -29.96 -9.88
C GLN D 84 18.14 -29.94 -9.88
N ASP D 85 17.50 -30.31 -8.77
CA ASP D 85 16.13 -30.82 -8.85
C ASP D 85 15.17 -29.78 -9.38
N ARG D 86 14.16 -30.25 -10.12
CA ARG D 86 13.05 -29.43 -10.59
C ARG D 86 11.74 -29.98 -10.05
N HIS D 87 11.01 -29.14 -9.34
CA HIS D 87 9.70 -29.48 -8.81
C HIS D 87 9.03 -28.19 -8.40
N ASP D 88 7.75 -28.28 -8.03
CA ASP D 88 6.96 -27.05 -7.88
C ASP D 88 7.20 -26.33 -6.57
N ARG D 89 8.12 -26.80 -5.72
CA ARG D 89 8.51 -25.99 -4.56
C ARG D 89 9.68 -25.08 -4.86
N ALA D 90 10.26 -25.19 -6.05
CA ALA D 90 11.30 -24.28 -6.53
C ALA D 90 10.75 -23.28 -7.54
N LEU D 91 9.45 -23.00 -7.49
CA LEU D 91 8.81 -22.05 -8.38
C LEU D 91 8.88 -20.64 -7.78
N PHE D 92 9.37 -19.68 -8.55
CA PHE D 92 9.36 -18.27 -8.20
C PHE D 92 8.73 -17.48 -9.34
N ALA D 93 8.39 -16.23 -9.05
CA ALA D 93 8.00 -15.26 -10.07
C ALA D 93 8.92 -14.04 -9.97
N MET D 94 9.26 -13.47 -11.11
CA MET D 94 10.16 -12.32 -11.20
C MET D 94 9.28 -11.08 -11.34
N ASP D 95 8.93 -10.47 -10.22
CA ASP D 95 8.00 -9.35 -10.23
C ASP D 95 8.79 -8.10 -10.60
N PHE D 96 8.81 -7.76 -11.89
CA PHE D 96 9.55 -6.60 -12.35
C PHE D 96 8.73 -5.31 -12.31
N PHE D 97 7.50 -5.36 -11.83
CA PHE D 97 6.75 -4.14 -11.54
C PHE D 97 6.94 -3.68 -10.10
N ASN D 98 6.80 -4.59 -9.14
CA ASN D 98 7.05 -4.27 -7.75
C ASN D 98 8.52 -4.43 -7.36
N ASP D 99 9.35 -4.97 -8.25
CA ASP D 99 10.80 -5.13 -8.07
C ASP D 99 11.11 -6.08 -6.91
N ASN D 100 10.61 -7.31 -7.00
CA ASN D 100 11.02 -8.34 -6.06
C ASN D 100 10.98 -9.71 -6.71
N ILE D 101 11.50 -10.69 -5.98
CA ILE D 101 11.46 -12.09 -6.36
C ILE D 101 10.61 -12.83 -5.33
N ILE D 102 9.47 -13.37 -5.76
CA ILE D 102 8.50 -13.94 -4.83
C ILE D 102 8.40 -15.43 -5.05
N HIS D 103 8.40 -16.18 -3.95
CA HIS D 103 8.25 -17.62 -3.98
C HIS D 103 6.77 -18.02 -4.10
N LYS D 104 6.56 -19.26 -4.57
CA LYS D 104 5.21 -19.77 -4.80
C LYS D 104 4.30 -19.58 -3.57
N ALA D 105 4.87 -19.65 -2.36
CA ALA D 105 4.07 -19.56 -1.15
C ALA D 105 3.98 -18.15 -0.61
N GLY D 106 4.60 -17.17 -1.26
CA GLY D 106 4.34 -15.79 -0.97
C GLY D 106 5.43 -15.04 -0.25
N LYS D 107 6.48 -15.70 0.23
CA LYS D 107 7.61 -14.97 0.78
C LYS D 107 8.56 -14.55 -0.35
N TYR D 108 9.49 -13.64 -0.01
CA TYR D 108 10.39 -13.00 -0.96
C TYR D 108 11.85 -13.35 -0.65
N ILE D 109 12.69 -13.24 -1.67
CA ILE D 109 14.13 -13.37 -1.48
C ILE D 109 14.65 -12.09 -0.83
N HIS D 110 15.34 -12.23 0.29
CA HIS D 110 15.94 -11.17 1.09
C HIS D 110 17.44 -11.37 1.21
N PRO D 111 18.21 -10.29 1.39
CA PRO D 111 19.55 -10.45 1.95
C PRO D 111 19.42 -10.79 3.43
N LYS D 112 20.18 -11.79 3.87
CA LYS D 112 20.11 -12.15 5.29
C LYS D 112 20.46 -10.95 6.13
N GLY D 113 19.58 -10.60 7.07
CA GLY D 113 19.78 -9.41 7.86
C GLY D 113 19.08 -8.18 7.33
N GLY D 114 18.62 -8.21 6.08
CA GLY D 114 17.76 -7.18 5.54
C GLY D 114 18.39 -5.82 5.38
N SER D 115 19.66 -5.76 4.99
CA SER D 115 20.34 -4.48 4.80
C SER D 115 20.15 -3.93 3.39
N THR D 116 20.04 -2.61 3.27
CA THR D 116 20.10 -2.01 1.95
C THR D 116 21.54 -1.85 1.44
N ASN D 117 22.54 -2.13 2.28
CA ASN D 117 23.94 -2.15 1.87
C ASN D 117 24.60 -3.38 2.46
N PRO D 118 24.22 -4.56 2.00
CA PRO D 118 24.83 -5.78 2.54
C PRO D 118 26.23 -5.95 1.98
N PRO D 119 27.18 -6.41 2.80
CA PRO D 119 28.54 -6.62 2.29
C PRO D 119 28.60 -7.84 1.37
N ASN D 120 29.68 -7.87 0.57
CA ASN D 120 29.99 -9.05 -0.22
C ASN D 120 29.90 -10.30 0.64
N GLU D 121 29.36 -11.37 0.06
CA GLU D 121 29.19 -12.72 0.63
C GLU D 121 28.01 -12.84 1.58
N THR D 122 27.20 -11.79 1.73
CA THR D 122 25.99 -11.89 2.54
C THR D 122 25.06 -12.95 1.95
N LEU D 123 24.57 -13.86 2.80
CA LEU D 123 23.66 -14.90 2.35
C LEU D 123 22.31 -14.29 1.98
N THR D 124 21.49 -15.09 1.30
CA THR D 124 20.11 -14.71 1.00
C THR D 124 19.14 -15.69 1.64
N VAL D 125 17.98 -15.19 2.06
CA VAL D 125 16.99 -15.97 2.79
C VAL D 125 15.60 -15.62 2.31
N MET D 126 14.65 -16.51 2.59
CA MET D 126 13.25 -16.23 2.41
C MET D 126 12.71 -15.44 3.59
N HIS D 127 11.88 -14.43 3.31
CA HIS D 127 11.22 -13.68 4.38
C HIS D 127 9.98 -13.01 3.82
N GLY D 128 8.94 -12.93 4.66
CA GLY D 128 7.69 -12.36 4.19
C GLY D 128 7.66 -10.85 4.11
N ASP D 129 8.54 -10.17 4.83
CA ASP D 129 8.53 -8.71 4.86
C ASP D 129 8.78 -8.11 3.49
N LYS D 130 8.23 -6.92 3.27
CA LYS D 130 8.45 -6.11 2.08
C LYS D 130 8.98 -4.74 2.50
N HIS D 131 10.12 -4.36 1.95
CA HIS D 131 10.77 -3.09 2.24
C HIS D 131 11.83 -2.86 1.16
N LYS D 132 12.59 -1.77 1.31
CA LYS D 132 13.60 -1.39 0.32
C LYS D 132 14.69 -2.45 0.16
N ALA D 133 15.04 -3.13 1.24
CA ALA D 133 16.19 -4.02 1.21
C ALA D 133 15.91 -5.35 0.53
N MET D 134 14.66 -5.66 0.20
CA MET D 134 14.36 -6.90 -0.51
C MET D 134 14.02 -6.66 -1.98
N GLU D 135 14.31 -5.47 -2.50
CA GLU D 135 14.02 -5.16 -3.89
C GLU D 135 15.15 -5.60 -4.81
N PHE D 136 14.78 -6.17 -5.95
CA PHE D 136 15.69 -6.65 -6.97
C PHE D 136 15.20 -6.20 -8.33
N ILE D 137 16.14 -5.84 -9.20
CA ILE D 137 15.85 -5.56 -10.61
C ILE D 137 16.72 -6.48 -11.46
N PHE D 138 16.33 -6.63 -12.72
CA PHE D 138 16.84 -7.67 -13.59
C PHE D 138 17.44 -7.00 -14.82
N VAL D 139 18.77 -7.09 -14.96
CA VAL D 139 19.49 -6.20 -15.86
C VAL D 139 20.39 -6.97 -16.81
N SER D 140 20.83 -6.25 -17.85
CA SER D 140 21.61 -6.81 -18.93
C SER D 140 23.00 -7.19 -18.43
N PRO D 141 23.51 -8.37 -18.82
CA PRO D 141 24.91 -8.69 -18.50
C PRO D 141 25.90 -7.71 -19.11
N LYS D 142 25.53 -6.99 -20.17
CA LYS D 142 26.40 -5.99 -20.78
C LYS D 142 26.24 -4.58 -20.18
N ASP D 143 25.21 -4.35 -19.37
CA ASP D 143 24.96 -3.02 -18.84
C ASP D 143 24.10 -3.19 -17.59
N LYS D 144 24.74 -3.13 -16.41
CA LYS D 144 24.05 -3.43 -15.16
C LYS D 144 22.98 -2.41 -14.79
N ASP D 145 22.82 -1.32 -15.56
CA ASP D 145 21.76 -0.35 -15.31
C ASP D 145 20.62 -0.48 -16.31
N LYS D 146 20.71 -1.38 -17.28
CA LYS D 146 19.67 -1.55 -18.29
C LYS D 146 18.77 -2.72 -17.87
N ARG D 147 17.52 -2.42 -17.52
CA ARG D 147 16.57 -3.48 -17.21
C ARG D 147 16.24 -4.29 -18.45
N VAL D 148 16.13 -5.61 -18.29
CA VAL D 148 15.79 -6.50 -19.39
C VAL D 148 14.61 -7.38 -19.02
N LEU D 149 13.87 -7.83 -20.04
CA LEU D 149 12.67 -8.62 -19.85
C LEU D 149 13.06 -10.08 -19.67
N VAL D 150 12.88 -10.61 -18.46
CA VAL D 150 13.33 -11.98 -18.16
C VAL D 150 12.35 -13.05 -18.60
N TYR D 151 11.15 -12.67 -18.99
CA TYR D 151 10.12 -13.65 -19.31
C TYR D 151 10.15 -14.11 -20.77
N VAL D 152 11.03 -13.56 -21.59
CA VAL D 152 11.18 -14.05 -22.96
C VAL D 152 12.58 -14.58 -23.20
C1 FRU E . 24.83 6.56 35.04
C2 FRU E . 24.14 5.52 34.16
C3 FRU E . 22.50 5.87 34.04
C4 FRU E . 22.04 4.82 33.53
C5 FRU E . 22.63 4.00 34.73
C6 FRU E . 22.31 2.66 34.66
O1 FRU E . 24.08 6.73 36.20
O2 FRU E . 24.69 5.54 32.91
O3 FRU E . 22.29 7.09 33.26
O4 FRU E . 20.50 4.84 33.52
O5 FRU E . 24.15 4.33 34.69
O6 FRU E . 21.23 2.58 35.53
C1 GAL E . 19.86 4.03 32.59
C2 GAL E . 18.57 3.56 33.23
C3 GAL E . 17.76 2.79 32.33
C4 GAL E . 17.46 3.50 31.05
C5 GAL E . 18.75 4.02 30.34
C6 GAL E . 18.40 4.87 29.26
O2 GAL E . 18.88 2.75 34.41
O3 GAL E . 16.46 2.45 33.01
O4 GAL E . 16.62 4.60 31.32
O5 GAL E . 19.58 4.79 31.36
O6 GAL E . 19.58 5.17 28.52
C1 FRU F . 23.67 25.25 14.85
C2 FRU F . 22.92 24.97 16.15
C3 FRU F . 21.34 24.54 15.79
C4 FRU F . 20.77 24.64 16.90
C5 FRU F . 21.26 26.13 17.01
C6 FRU F . 20.83 26.78 18.16
O1 FRU F . 22.93 26.15 14.09
O2 FRU F . 23.54 23.94 16.83
O3 FRU F . 21.24 23.22 15.13
O4 FRU F . 19.25 24.54 16.73
O5 FRU F . 22.80 26.02 16.89
O6 FRU F . 19.96 27.76 17.66
C1 GAL F . 18.54 24.18 17.87
C2 GAL F . 17.26 24.99 17.94
C3 GAL F . 16.41 24.58 19.04
C4 GAL F . 16.08 23.13 19.01
C5 GAL F . 17.41 22.28 19.00
C6 GAL F . 17.19 20.87 18.88
O2 GAL F . 17.61 26.41 18.10
O3 GAL F . 15.15 25.39 19.02
O4 GAL F . 15.33 22.81 17.84
O5 GAL F . 18.22 22.76 17.81
O6 GAL F . 18.47 20.26 18.82
C1 FRU G . 23.61 -2.14 8.35
C2 FRU G . 22.88 -0.90 7.86
C3 FRU G . 21.36 -0.76 8.57
C4 FRU G . 20.77 0.09 7.86
C5 FRU G . 21.13 -0.78 6.61
C6 FRU G . 20.64 -0.17 5.50
O1 FRU G . 22.90 -3.26 7.95
O2 FRU G . 23.62 0.22 8.15
O3 FRU G . 21.55 -0.37 9.98
O4 FRU G . 19.24 0.14 8.05
O5 FRU G . 22.65 -0.94 6.59
O6 FRU G . 19.63 -1.06 5.17
C1 GAL G . 18.57 1.34 7.78
C2 GAL G . 17.19 1.06 7.20
C3 GAL G . 16.39 2.25 7.01
C4 GAL G . 16.23 3.03 8.25
C5 GAL G . 17.63 3.37 8.89
C6 GAL G . 17.48 3.95 10.18
O2 GAL G . 17.32 0.39 5.90
O3 GAL G . 15.03 1.83 6.53
O4 GAL G . 15.47 2.27 9.18
O5 GAL G . 18.42 2.08 9.03
O6 GAL G . 18.77 4.34 10.61
C1 FRU H . 4.63 15.97 3.73
C2 FRU H . 3.37 15.43 4.42
C3 FRU H . 2.04 16.49 4.26
C4 FRU H . 1.46 16.27 5.35
C5 FRU H . 2.79 16.59 6.10
C6 FRU H . 2.56 16.75 7.44
O1 FRU H . 4.31 16.34 2.43
O2 FRU H . 3.03 14.20 3.91
O3 FRU H . 1.20 16.25 3.07
O4 FRU H . 0.37 17.25 5.78
O5 FRU H . 3.62 15.36 5.68
O6 FRU H . 2.40 18.13 7.60
C1 GAL H . -0.79 16.62 6.26
C2 GAL H . -1.73 17.66 6.86
C3 GAL H . -3.01 17.11 7.25
C4 GAL H . -3.69 16.38 6.15
C5 GAL H . -2.78 15.26 5.52
C6 GAL H . -3.39 14.77 4.34
O2 GAL H . -1.12 18.27 8.05
O3 GAL H . -3.89 18.24 7.71
O4 GAL H . -4.06 17.31 5.14
O5 GAL H . -1.43 15.88 5.16
O6 GAL H . -3.31 13.35 4.32
C1 FRU I . -39.69 17.07 4.31
C2 FRU I . -38.28 17.12 3.68
C3 FRU I . -37.07 17.25 4.84
C4 FRU I . -36.07 17.63 4.17
C5 FRU I . -36.87 18.85 3.57
C6 FRU I . -36.15 19.56 2.62
O1 FRU I . -39.79 17.96 5.35
O2 FRU I . -38.11 15.97 2.94
O3 FRU I . -36.85 15.97 5.54
O4 FRU I . -34.91 18.05 5.07
O5 FRU I . -38.13 18.17 2.97
O6 FRU I . -35.74 20.72 3.27
C1 GAL I . -33.62 17.94 4.52
C2 GAL I . -32.79 19.07 5.06
C3 GAL I . -31.42 19.02 4.59
C4 GAL I . -30.77 17.72 4.88
C5 GAL I . -31.61 16.51 4.35
C6 GAL I . -31.08 15.27 4.74
O2 GAL I . -33.41 20.33 4.65
O3 GAL I . -30.66 20.13 5.28
O4 GAL I . -30.63 17.57 6.29
O5 GAL I . -33.01 16.66 4.92
O6 GAL I . -31.87 14.24 4.15
C1 FRU J . -34.40 -8.55 14.10
C2 FRU J . -34.22 -7.07 14.42
C3 FRU J . -32.62 -6.71 14.70
C4 FRU J . -32.67 -5.61 15.30
C5 FRU J . -33.77 -6.04 16.35
C6 FRU J . -34.34 -5.00 17.10
O1 FRU J . -33.35 -9.26 14.67
O2 FRU J . -34.64 -6.32 13.36
O3 FRU J . -31.85 -6.67 13.44
O4 FRU J . -31.31 -5.33 15.93
O5 FRU J . -34.84 -6.76 15.49
O6 FRU J . -33.83 -5.10 18.40
C1 GAL J . -31.14 -4.01 16.32
C2 GAL J . -30.39 -3.99 17.62
C3 GAL J . -30.07 -2.64 18.07
C4 GAL J . -29.41 -1.80 17.04
C5 GAL J . -30.24 -1.81 15.68
C6 GAL J . -29.56 -1.10 14.65
O2 GAL J . -31.19 -4.68 18.65
O3 GAL J . -29.18 -2.75 19.27
O4 GAL J . -28.08 -2.26 16.80
O5 GAL J . -30.41 -3.27 15.30
O6 GAL J . -30.37 -1.18 13.49
C1 FRU K . -22.87 0.88 -10.50
C2 FRU K . -22.34 0.01 -9.35
C3 FRU K . -21.55 1.00 -8.25
C4 FRU K . -20.89 0.17 -7.57
C5 FRU K . -20.28 -0.35 -8.91
C6 FRU K . -19.34 -1.28 -8.62
O1 FRU K . -21.82 1.37 -11.28
O2 FRU K . -23.36 -0.62 -8.69
O3 FRU K . -22.59 1.71 -7.51
O4 FRU K . -19.79 0.77 -6.68
O5 FRU K . -21.47 -0.86 -9.73
O6 FRU K . -18.19 -0.52 -8.50
C1 GAL K . -19.49 0.09 -5.49
C2 GAL K . -18.00 0.19 -5.21
C3 GAL K . -17.60 -0.34 -3.91
C4 GAL K . -18.34 0.24 -2.78
C5 GAL K . -19.90 0.16 -3.02
C6 GAL K . -20.63 0.90 -2.05
O2 GAL K . -17.25 -0.56 -6.22
O3 GAL K . -16.14 -0.06 -3.72
O4 GAL K . -17.94 1.60 -2.63
O5 GAL K . -20.21 0.72 -4.39
O6 GAL K . -22.00 0.64 -2.27
C1 FRU L . -10.00 -7.42 11.77
C2 FRU L . -9.48 -6.03 12.13
C3 FRU L . -8.77 -6.00 13.67
C4 FRU L . -8.75 -4.78 13.94
C5 FRU L . -10.26 -4.67 13.55
C6 FRU L . -10.71 -3.43 13.73
O1 FRU L . -11.08 -7.69 12.58
O2 FRU L . -8.60 -5.55 11.22
O3 FRU L . -7.42 -6.57 13.69
O4 FRU L . -8.52 -4.47 15.43
O5 FRU L . -10.48 -5.24 12.16
O6 FRU L . -11.18 -3.77 14.98
C1 GAL L . -7.46 -3.56 15.63
C2 GAL L . -7.28 -3.24 17.10
C3 GAL L . -6.15 -2.38 17.38
C4 GAL L . -4.89 -2.88 16.79
C5 GAL L . -5.07 -3.16 15.26
C6 GAL L . -3.91 -3.65 14.66
O2 GAL L . -8.47 -2.61 17.67
O3 GAL L . -5.98 -2.31 18.86
O4 GAL L . -4.53 -4.08 17.46
O5 GAL L . -6.22 -4.14 15.12
O6 GAL L . -2.99 -2.58 14.53
C1 FRU M . -23.83 -3.75 -36.25
C2 FRU M . -23.69 -4.07 -34.75
C3 FRU M . -22.22 -4.83 -34.43
C4 FRU M . -22.39 -5.30 -33.29
C5 FRU M . -23.73 -6.01 -33.73
C6 FRU M . -24.29 -6.68 -32.66
O1 FRU M . -23.49 -4.85 -37.03
O2 FRU M . -23.73 -2.89 -34.04
O3 FRU M . -21.10 -3.87 -34.53
O4 FRU M . -21.29 -6.30 -32.90
O5 FRU M . -24.60 -4.88 -34.33
O6 FRU M . -23.73 -7.95 -32.80
C1 GAL M . -21.04 -6.44 -31.52
C2 GAL M . -20.56 -7.86 -31.27
C3 GAL M . -20.18 -8.14 -29.92
C4 GAL M . -19.18 -7.16 -29.40
C5 GAL M . -19.63 -5.66 -29.61
C6 GAL M . -18.57 -4.76 -29.29
O2 GAL M . -21.66 -8.78 -31.61
O3 GAL M . -19.63 -9.55 -29.89
O4 GAL M . -17.94 -7.31 -30.08
O5 GAL M . -20.02 -5.47 -31.07
O6 GAL M . -19.12 -3.44 -29.28
C1 FRU N . -5.70 17.04 -33.10
C2 FRU N . -5.84 15.60 -33.62
C3 FRU N . -4.81 14.62 -32.75
C4 FRU N . -4.73 13.59 -33.45
C5 FRU N . -4.31 14.44 -34.71
C6 FRU N . -4.11 13.70 -35.87
O1 FRU N . -4.36 17.36 -33.03
O2 FRU N . -7.16 15.19 -33.46
O3 FRU N . -5.29 14.40 -31.37
O4 FRU N . -3.61 12.71 -32.89
O5 FRU N . -5.46 15.47 -34.84
O6 FRU N . -2.73 13.57 -35.93
C1 GAL N . -3.57 11.38 -33.33
C2 GAL N . -2.13 10.92 -33.53
C3 GAL N . -2.02 9.50 -33.81
C4 GAL N . -2.70 8.65 -32.79
C5 GAL N . -4.21 9.07 -32.63
C6 GAL N . -4.85 8.34 -31.58
O2 GAL N . -1.51 11.66 -34.65
O3 GAL N . -0.57 9.12 -33.95
O4 GAL N . -2.05 8.75 -31.51
O5 GAL N . -4.21 10.54 -32.31
O6 GAL N . -6.20 8.76 -31.48
C1 FRU O . -21.04 8.65 -10.94
C2 FRU O . -19.57 9.03 -11.15
C3 FRU O . -18.66 7.63 -11.36
C4 FRU O . -17.48 8.06 -11.23
C5 FRU O . -17.92 8.64 -9.84
C6 FRU O . -16.83 9.24 -9.28
O1 FRU O . -21.13 7.81 -9.82
O2 FRU O . -19.45 9.84 -12.26
O3 FRU O . -18.96 6.99 -12.65
O4 FRU O . -16.41 6.99 -11.05
O5 FRU O . -19.08 9.61 -10.12
O6 FRU O . -16.55 8.37 -8.22
C1 GAL O . -15.09 7.35 -11.42
C2 GAL O . -14.08 6.75 -10.44
C3 GAL O . -12.69 6.93 -10.84
C4 GAL O . -12.41 6.43 -12.20
C5 GAL O . -13.39 7.05 -13.26
C6 GAL O . -13.23 6.43 -14.52
O2 GAL O . -14.24 7.34 -9.11
O3 GAL O . -11.78 6.22 -9.89
O4 GAL O . -12.50 5.00 -12.23
O5 GAL O . -14.82 6.84 -12.78
O6 GAL O . -14.13 7.02 -15.43
C1 FRU P . 5.85 8.19 -13.32
C2 FRU P . 6.05 6.67 -13.47
C3 FRU P . 7.62 6.27 -13.93
C4 FRU P . 7.46 5.11 -14.40
C5 FRU P . 6.31 5.61 -15.36
C6 FRU P . 5.82 4.59 -16.14
O1 FRU P . 6.41 8.83 -14.41
O2 FRU P . 5.75 6.04 -12.28
O3 FRU P . 8.57 6.32 -12.79
O4 FRU P . 8.62 4.53 -15.20
O5 FRU P . 5.27 6.20 -14.39
O6 FRU P . 6.38 4.93 -17.37
C1 GAL P . 9.03 3.26 -14.76
C2 GAL P . 10.18 2.74 -15.61
C3 GAL P . 10.72 1.46 -15.17
C4 GAL P . 11.11 1.45 -13.75
C5 GAL P . 9.96 1.99 -12.82
C6 GAL P . 10.41 2.13 -11.48
O2 GAL P . 9.75 2.62 -17.01
O3 GAL P . 11.92 1.11 -15.99
O4 GAL P . 12.29 2.26 -13.59
O5 GAL P . 9.45 3.32 -13.35
O6 GAL P . 10.32 0.85 -10.87
C1 FRU Q . 38.42 -19.45 -3.20
C2 FRU Q . 37.58 -18.19 -3.09
C3 FRU Q . 36.50 -18.11 -4.38
C4 FRU Q . 36.17 -16.90 -4.36
C5 FRU Q . 37.67 -16.45 -4.45
C6 FRU Q . 37.83 -15.08 -4.53
O1 FRU Q . 38.78 -19.66 -4.53
O2 FRU Q . 36.86 -18.17 -1.91
O3 FRU Q . 35.43 -19.08 -4.19
O4 FRU Q . 35.37 -16.52 -5.61
O5 FRU Q . 38.31 -17.12 -3.21
O6 FRU Q . 38.14 -14.87 -5.87
C1 GAL Q . 34.50 -15.43 -5.47
C2 GAL Q . 34.41 -14.74 -6.80
C3 GAL Q . 33.49 -13.62 -6.79
C4 GAL Q . 32.13 -14.00 -6.36
C5 GAL Q . 32.14 -14.76 -4.99
C6 GAL Q . 30.86 -15.29 -4.70
O2 GAL Q . 35.74 -14.26 -7.18
O3 GAL Q . 33.41 -13.12 -8.20
O4 GAL Q . 31.56 -14.87 -7.34
O5 GAL Q . 33.16 -15.89 -5.10
O6 GAL Q . 30.89 -15.86 -3.41
C1 FRU R . 15.96 -33.79 4.77
C2 FRU R . 16.71 -33.29 3.53
C3 FRU R . 15.71 -32.33 2.59
C4 FRU R . 16.22 -32.43 1.45
C5 FRU R . 16.24 -34.00 1.52
C6 FRU R . 16.73 -34.61 0.39
O1 FRU R . 14.69 -34.23 4.42
O2 FRU R . 17.79 -32.52 3.95
O3 FRU R . 15.63 -30.96 3.13
O4 FRU R . 15.26 -31.91 0.38
O5 FRU R . 17.10 -34.26 2.77
O6 FRU R . 15.57 -34.99 -0.29
C1 GAL R . 15.86 -31.53 -0.82
C2 GAL R . 14.91 -31.84 -1.96
C3 GAL R . 15.37 -31.33 -3.24
C4 GAL R . 15.69 -29.87 -3.21
C5 GAL R . 16.72 -29.52 -2.06
C6 GAL R . 16.95 -28.13 -1.90
O2 GAL R . 14.77 -33.30 -2.05
O3 GAL R . 14.36 -31.63 -4.33
O4 GAL R . 14.49 -29.09 -3.10
O5 GAL R . 16.15 -30.08 -0.76
O6 GAL R . 17.77 -27.91 -0.77
C1 FRU S . 20.13 -7.02 13.29
C2 FRU S . 18.89 -7.84 12.89
C3 FRU S . 18.56 -7.51 11.27
C4 FRU S . 17.42 -8.02 11.11
C5 FRU S . 16.92 -7.14 12.30
C6 FRU S . 15.60 -7.34 12.50
O1 FRU S . 19.81 -5.67 13.26
O2 FRU S . 19.12 -9.18 13.06
O3 FRU S . 19.67 -8.05 10.47
O4 FRU S . 16.73 -7.62 9.80
O5 FRU S . 17.81 -7.51 13.51
O6 FRU S . 15.04 -6.27 11.81
C1 GAL S . 15.75 -8.51 9.30
C2 GAL S . 14.60 -7.74 8.67
C3 GAL S . 13.65 -8.58 7.97
C4 GAL S . 14.28 -9.45 6.96
C5 GAL S . 15.43 -10.31 7.59
C6 GAL S . 16.16 -10.99 6.58
O2 GAL S . 13.82 -7.08 9.73
O3 GAL S . 12.60 -7.73 7.30
O4 GAL S . 14.78 -8.65 5.90
O5 GAL S . 16.38 -9.36 8.28
O6 GAL S . 17.08 -11.84 7.23
C1 FRU T . -0.08 -16.69 -1.12
C2 FRU T . -0.01 -16.01 -2.49
C3 FRU T . -1.18 -16.52 -3.62
C4 FRU T . -0.55 -16.37 -4.70
C5 FRU T . 0.68 -17.18 -4.18
C6 FRU T . 1.60 -17.28 -5.17
O1 FRU T . -1.25 -17.43 -1.00
O2 FRU T . -0.10 -14.65 -2.31
O3 FRU T . -2.42 -15.73 -3.56
O4 FRU T . -1.13 -17.02 -5.96
O5 FRU T . 1.14 -16.30 -3.01
O6 FRU T . 1.47 -18.60 -5.61
C1 GAL T . -1.17 -16.12 -7.05
C2 GAL T . -1.56 -16.86 -8.30
C3 GAL T . -1.76 -15.99 -9.45
C4 GAL T . -2.75 -14.92 -9.20
C5 GAL T . -2.35 -14.08 -7.92
C6 GAL T . -3.36 -13.13 -7.62
O2 GAL T . -0.53 -17.85 -8.66
O3 GAL T . -2.23 -16.79 -10.63
O4 GAL T . -4.06 -15.47 -9.06
O5 GAL T . -2.11 -15.03 -6.76
O6 GAL T . -2.77 -12.11 -6.85
C1 GOL U . -1.06 -4.70 17.11
O1 GOL U . -1.52 -5.41 15.98
C2 GOL U . -1.66 -5.25 18.38
O2 GOL U . -1.27 -6.60 18.51
C3 GOL U . -1.14 -4.47 19.57
O3 GOL U . -2.23 -3.97 20.30
C ACT V . 6.54 -6.83 23.56
O ACT V . 5.91 -6.10 24.33
OXT ACT V . 6.66 -6.70 22.32
CH3 ACT V . 7.30 -8.00 24.22
C ACT W . -15.11 20.52 -0.09
O ACT W . -14.32 19.55 -0.08
OXT ACT W . -15.45 21.21 0.89
CH3 ACT W . -15.72 20.89 -1.46
C1 PEG X . -14.44 -13.55 -13.69
O1 PEG X . -15.46 -12.60 -13.48
C2 PEG X . -15.01 -14.74 -14.39
O2 PEG X . -15.20 -14.50 -15.76
C3 PEG X . -16.55 -14.69 -16.13
C4 PEG X . -16.96 -13.86 -17.34
O4 PEG X . -16.16 -14.14 -18.46
C ACT Y . 24.00 0.53 -8.80
O ACT Y . 24.18 -0.13 -9.84
OXT ACT Y . 22.90 0.90 -8.33
CH3 ACT Y . 25.26 0.94 -8.03
NI NI Z . 2.11 -13.23 -7.52
#